data_8B72
#
_entry.id   8B72
#
_cell.length_a   113.254
_cell.length_b   142.382
_cell.length_c   78.236
_cell.angle_alpha   90.000
_cell.angle_beta   114.050
_cell.angle_gamma   90.000
#
_symmetry.space_group_name_H-M   'C 1 2 1'
#
loop_
_entity.id
_entity.type
_entity.pdbx_description
1 polymer '3-hydroxydecanoyl-[acyl-carrier-protein] dehydratase'
2 non-polymer N-{2-[4-(AMINOSULFONYL)PHENYL]ETHYL}ACETAMIDE
3 non-polymer 'DIMETHYL SULFOXIDE'
4 water water
#
_entity_poly.entity_id   1
_entity_poly.type   'polypeptide(L)'
_entity_poly.pdbx_seq_one_letter_code
;MTKQHAFTREDLLRCSRGELFGPGNAQLPAPNMLMIDRIVHISDVGGKYGKGELVAELDINPDLWFFACHFEGDPVMPGC
LGLDAMWQLVGFYLGWQGNPGRGRALGSGEVKFFGQVLPTAKKVTYNIHIKRTINRSLVLAIADGTVSVDGREIYSAEGL
RVGLFTSTDSF
;
_entity_poly.pdbx_strand_id   A,B,C,D,E
#
# COMPACT_ATOMS: atom_id res chain seq x y z
N THR A 2 22.46 22.90 7.01
CA THR A 2 23.22 22.06 7.96
C THR A 2 24.07 22.96 8.87
N LYS A 3 23.60 24.19 9.14
CA LYS A 3 24.19 25.13 10.13
C LYS A 3 23.45 24.90 11.46
N GLN A 4 22.22 25.41 11.57
CA GLN A 4 21.46 25.48 12.86
C GLN A 4 20.93 24.08 13.25
N HIS A 5 20.92 23.74 14.54
CA HIS A 5 20.55 22.38 15.01
C HIS A 5 19.29 22.46 15.89
N ALA A 6 18.71 23.64 16.03
CA ALA A 6 17.46 23.92 16.74
C ALA A 6 16.76 25.08 16.04
N PHE A 7 15.44 25.07 15.99
CA PHE A 7 14.62 26.16 15.39
C PHE A 7 13.48 26.50 16.34
N THR A 8 13.22 27.80 16.44
CA THR A 8 12.15 28.42 17.24
C THR A 8 10.89 28.52 16.39
N ARG A 9 9.77 28.74 17.05
CA ARG A 9 8.45 29.00 16.39
C ARG A 9 8.63 30.05 15.29
N GLU A 10 9.34 31.14 15.58
CA GLU A 10 9.50 32.25 14.61
C GLU A 10 10.30 31.74 13.41
N ASP A 11 11.34 30.95 13.64
CA ASP A 11 12.10 30.29 12.56
C ASP A 11 11.14 29.46 11.69
N LEU A 12 10.22 28.70 12.31
CA LEU A 12 9.31 27.79 11.56
C LEU A 12 8.30 28.63 10.76
N LEU A 13 7.80 29.74 11.31
CA LEU A 13 6.89 30.62 10.54
C LEU A 13 7.69 31.22 9.36
N ARG A 14 8.96 31.58 9.58
CA ARG A 14 9.79 32.13 8.47
C ARG A 14 9.87 31.06 7.36
N CYS A 15 10.16 29.82 7.76
CA CYS A 15 10.15 28.65 6.84
C CYS A 15 8.83 28.58 6.06
N SER A 16 7.67 28.77 6.73
CA SER A 16 6.32 28.61 6.10
C SER A 16 6.14 29.70 5.04
N ARG A 17 6.80 30.87 5.21
CA ARG A 17 6.74 31.99 4.24
C ARG A 17 7.67 31.76 3.04
N GLY A 18 8.53 30.73 3.09
CA GLY A 18 9.52 30.43 2.04
C GLY A 18 10.85 31.15 2.26
N GLU A 19 10.99 31.80 3.42
CA GLU A 19 12.11 32.75 3.74
C GLU A 19 13.23 32.05 4.53
N LEU A 20 13.13 30.76 4.88
CA LEU A 20 14.24 30.05 5.57
C LEU A 20 15.14 29.38 4.52
N PHE A 21 14.55 28.60 3.62
CA PHE A 21 15.32 27.82 2.60
C PHE A 21 15.31 28.51 1.24
N GLY A 22 14.45 29.53 1.06
CA GLY A 22 14.42 30.36 -0.14
C GLY A 22 13.27 29.99 -1.06
N PRO A 23 12.91 30.89 -1.99
CA PRO A 23 11.84 30.60 -2.96
C PRO A 23 12.12 29.35 -3.80
N GLY A 24 11.11 28.49 -3.97
CA GLY A 24 11.20 27.25 -4.75
C GLY A 24 11.73 26.08 -3.93
N ASN A 25 12.11 26.29 -2.67
CA ASN A 25 12.65 25.23 -1.80
C ASN A 25 11.63 24.88 -0.69
N ALA A 26 12.00 23.97 0.21
CA ALA A 26 11.02 23.31 1.12
C ALA A 26 10.35 24.36 2.01
N GLN A 27 9.05 24.21 2.22
CA GLN A 27 8.23 25.06 3.12
C GLN A 27 7.46 24.16 4.07
N LEU A 28 7.48 24.50 5.35
CA LEU A 28 6.46 24.04 6.31
C LEU A 28 5.12 24.69 5.98
N PRO A 29 4.00 24.06 6.37
CA PRO A 29 2.71 24.69 6.30
C PRO A 29 2.71 25.82 7.32
N ALA A 30 1.85 26.83 7.10
CA ALA A 30 1.53 27.88 8.09
C ALA A 30 0.38 27.39 8.96
N PRO A 31 0.03 28.04 10.11
CA PRO A 31 -1.21 27.74 10.81
C PRO A 31 -2.39 27.93 9.85
N ASN A 32 -3.44 27.09 9.89
CA ASN A 32 -3.69 26.11 10.93
C ASN A 32 -3.25 24.69 10.55
N MET A 33 -2.44 24.49 9.50
CA MET A 33 -1.93 23.14 9.15
C MET A 33 -0.57 22.87 9.82
N LEU A 34 0.09 23.89 10.37
CA LEU A 34 1.41 23.68 11.04
C LEU A 34 1.16 22.91 12.35
N MET A 35 1.83 21.77 12.57
CA MET A 35 1.61 20.93 13.77
C MET A 35 2.91 20.80 14.54
N ILE A 36 3.81 21.77 14.37
CA ILE A 36 5.10 21.87 15.11
C ILE A 36 5.28 23.29 15.65
N ASP A 37 5.72 23.43 16.91
CA ASP A 37 6.01 24.71 17.61
C ASP A 37 7.52 24.94 17.57
N ARG A 38 8.33 23.90 17.74
CA ARG A 38 9.80 24.09 17.76
C ARG A 38 10.49 22.78 17.40
N ILE A 39 11.63 22.90 16.71
CA ILE A 39 12.57 21.78 16.49
C ILE A 39 13.70 21.92 17.52
N VAL A 40 13.67 21.05 18.54
CA VAL A 40 14.62 21.03 19.69
C VAL A 40 15.94 20.43 19.23
N HIS A 41 15.97 19.59 18.20
CA HIS A 41 17.26 19.05 17.70
C HIS A 41 17.08 18.48 16.29
N ILE A 42 18.05 18.78 15.42
CA ILE A 42 18.13 18.20 14.05
C ILE A 42 19.62 18.02 13.72
N SER A 43 19.98 16.85 13.20
CA SER A 43 21.38 16.50 12.82
C SER A 43 21.34 15.50 11.69
N ASP A 44 22.40 15.46 10.86
CA ASP A 44 22.49 14.56 9.67
C ASP A 44 23.30 13.31 10.04
N VAL A 45 23.78 13.20 11.28
CA VAL A 45 24.59 12.03 11.75
C VAL A 45 23.89 11.44 12.99
N GLY A 46 24.30 10.24 13.43
CA GLY A 46 23.72 9.59 14.61
C GLY A 46 22.31 9.13 14.33
N GLY A 47 21.45 9.13 15.35
CA GLY A 47 20.07 8.61 15.24
C GLY A 47 20.09 7.10 15.17
N LYS A 48 18.93 6.48 15.17
CA LYS A 48 18.75 5.01 15.19
C LYS A 48 19.51 4.35 14.03
N TYR A 49 19.68 5.00 12.89
CA TYR A 49 20.29 4.37 11.69
C TYR A 49 21.59 5.07 11.28
N GLY A 50 22.07 6.03 12.06
CA GLY A 50 23.30 6.76 11.70
C GLY A 50 23.10 7.80 10.61
N LYS A 51 21.87 8.15 10.19
CA LYS A 51 21.60 9.08 9.07
C LYS A 51 20.84 10.31 9.58
N GLY A 52 20.84 10.53 10.88
CA GLY A 52 20.25 11.75 11.44
C GLY A 52 18.97 11.50 12.21
N GLU A 53 18.50 12.57 12.82
CA GLU A 53 17.36 12.54 13.77
C GLU A 53 16.78 13.95 13.84
N LEU A 54 15.46 14.01 14.02
CA LEU A 54 14.75 15.26 14.37
C LEU A 54 13.99 14.99 15.66
N VAL A 55 14.01 15.96 16.56
CA VAL A 55 13.14 15.96 17.76
C VAL A 55 12.44 17.29 17.72
N ALA A 56 11.11 17.26 17.76
CA ALA A 56 10.26 18.48 17.69
C ALA A 56 9.11 18.37 18.67
N GLU A 57 8.48 19.50 18.96
CA GLU A 57 7.44 19.66 20.03
C GLU A 57 6.28 20.51 19.51
N LEU A 58 5.07 20.17 19.99
CA LEU A 58 3.81 20.92 19.80
C LEU A 58 3.22 21.07 21.19
N ASP A 59 3.02 22.32 21.63
CA ASP A 59 2.35 22.62 22.92
C ASP A 59 0.86 22.43 22.72
N ILE A 60 0.22 21.79 23.72
CA ILE A 60 -1.23 21.51 23.72
C ILE A 60 -1.87 22.43 24.75
N ASN A 61 -3.02 23.01 24.38
CA ASN A 61 -3.96 23.60 25.34
C ASN A 61 -5.36 23.27 24.84
N PRO A 62 -6.34 23.41 25.73
CA PRO A 62 -7.72 23.07 25.40
C PRO A 62 -8.34 23.91 24.27
N ASP A 63 -7.75 25.04 23.91
CA ASP A 63 -8.38 25.99 22.95
C ASP A 63 -7.89 25.74 21.53
N LEU A 64 -7.02 24.76 21.28
CA LEU A 64 -6.56 24.46 19.90
C LEU A 64 -7.75 24.09 19.02
N TRP A 65 -7.78 24.59 17.78
CA TRP A 65 -9.00 24.63 16.93
C TRP A 65 -9.57 23.23 16.74
N PHE A 66 -8.72 22.21 16.55
CA PHE A 66 -9.18 20.85 16.12
C PHE A 66 -9.98 20.18 17.24
N PHE A 67 -9.86 20.65 18.48
CA PHE A 67 -10.55 20.01 19.63
C PHE A 67 -12.05 20.27 19.56
N ALA A 68 -12.50 21.45 19.08
CA ALA A 68 -13.94 21.81 19.04
C ALA A 68 -14.69 20.98 18.00
N CYS A 69 -14.08 20.70 16.85
CA CYS A 69 -14.75 19.99 15.72
C CYS A 69 -14.42 18.49 15.69
N HIS A 70 -13.55 17.99 16.56
CA HIS A 70 -12.99 16.62 16.42
C HIS A 70 -12.80 16.00 17.79
N PHE A 71 -13.85 15.40 18.37
CA PHE A 71 -15.23 15.41 17.92
C PHE A 71 -16.09 16.22 18.91
N GLU A 72 -17.28 16.63 18.53
CA GLU A 72 -18.22 17.38 19.42
C GLU A 72 -18.51 16.54 20.67
N GLY A 73 -18.19 17.05 21.85
CA GLY A 73 -18.33 16.33 23.14
C GLY A 73 -17.32 15.20 23.31
N ASP A 74 -16.34 15.04 22.42
CA ASP A 74 -15.27 14.00 22.54
C ASP A 74 -13.99 14.54 21.91
N PRO A 75 -13.43 15.64 22.48
CA PRO A 75 -12.28 16.31 21.87
C PRO A 75 -11.04 15.39 21.87
N VAL A 76 -10.38 15.23 20.72
CA VAL A 76 -9.12 14.42 20.62
C VAL A 76 -8.34 14.91 19.41
N MET A 77 -7.02 15.06 19.51
CA MET A 77 -6.24 15.56 18.36
C MET A 77 -6.35 14.55 17.23
N PRO A 78 -6.65 14.99 16.00
CA PRO A 78 -6.68 14.06 14.87
C PRO A 78 -5.35 13.33 14.69
N GLY A 79 -5.42 12.01 14.58
CA GLY A 79 -4.23 11.18 14.31
C GLY A 79 -3.56 11.60 13.00
N CYS A 80 -4.35 11.90 11.98
CA CYS A 80 -3.83 12.36 10.66
C CYS A 80 -2.93 13.60 10.80
N LEU A 81 -3.17 14.51 11.75
CA LEU A 81 -2.33 15.72 11.92
C LEU A 81 -1.00 15.38 12.60
N GLY A 82 -1.01 14.43 13.54
CA GLY A 82 0.24 13.94 14.16
C GLY A 82 1.10 13.21 13.14
N LEU A 83 0.48 12.39 12.33
CA LEU A 83 1.18 11.74 11.20
C LEU A 83 1.69 12.85 10.27
N ASP A 84 0.88 13.87 9.99
CA ASP A 84 1.33 14.93 9.05
C ASP A 84 2.58 15.64 9.60
N ALA A 85 2.60 15.94 10.89
CA ALA A 85 3.78 16.58 11.53
C ALA A 85 5.03 15.78 11.15
N MET A 86 4.93 14.45 11.07
CA MET A 86 6.12 13.60 10.81
C MET A 86 6.55 13.79 9.35
N TRP A 87 5.60 13.76 8.42
CA TRP A 87 5.90 14.11 6.99
C TRP A 87 6.51 15.51 6.89
N GLN A 88 5.95 16.50 7.59
CA GLN A 88 6.39 17.92 7.60
C GLN A 88 7.87 17.94 7.97
N LEU A 89 8.25 17.23 9.03
CA LEU A 89 9.63 17.19 9.58
C LEU A 89 10.61 16.55 8.60
N VAL A 90 10.20 15.50 7.89
CA VAL A 90 11.07 14.79 6.91
C VAL A 90 11.31 15.73 5.70
N GLY A 91 10.30 16.51 5.30
CA GLY A 91 10.44 17.59 4.30
C GLY A 91 11.42 18.66 4.78
N PHE A 92 11.23 19.13 6.00
CA PHE A 92 12.15 20.09 6.64
C PHE A 92 13.59 19.56 6.53
N TYR A 93 13.82 18.30 6.92
CA TYR A 93 15.15 17.63 6.91
C TYR A 93 15.80 17.77 5.52
N LEU A 94 15.08 17.44 4.45
CA LEU A 94 15.62 17.47 3.06
C LEU A 94 15.97 18.92 2.66
N GLY A 95 15.12 19.89 3.01
CA GLY A 95 15.40 21.31 2.81
C GLY A 95 16.61 21.76 3.62
N TRP A 96 16.69 21.35 4.87
CA TRP A 96 17.80 21.71 5.79
C TRP A 96 19.14 21.21 5.25
N GLN A 97 19.14 20.08 4.53
CA GLN A 97 20.36 19.46 3.94
C GLN A 97 20.89 20.26 2.73
N GLY A 98 20.13 21.25 2.22
CA GLY A 98 20.53 22.06 1.06
C GLY A 98 19.99 21.56 -0.27
N ASN A 99 19.07 20.60 -0.30
CA ASN A 99 18.48 20.18 -1.59
C ASN A 99 17.53 21.27 -2.09
N PRO A 100 17.32 21.37 -3.42
CA PRO A 100 16.35 22.29 -3.99
C PRO A 100 14.95 21.65 -4.15
N GLY A 101 13.91 22.49 -4.23
CA GLY A 101 12.57 22.05 -4.65
C GLY A 101 11.55 21.94 -3.53
N ARG A 102 10.30 21.77 -3.93
CA ARG A 102 9.12 21.82 -3.04
C ARG A 102 8.81 20.40 -2.56
N GLY A 103 8.46 20.27 -1.28
CA GLY A 103 8.15 19.00 -0.60
C GLY A 103 6.77 18.48 -0.95
N ARG A 104 6.69 17.18 -1.21
CA ARG A 104 5.43 16.39 -1.20
C ARG A 104 5.63 15.09 -0.41
N ALA A 105 4.69 14.80 0.48
CA ALA A 105 4.54 13.47 1.10
C ALA A 105 4.26 12.46 -0.01
N LEU A 106 4.95 11.31 -0.02
CA LEU A 106 4.77 10.22 -0.99
C LEU A 106 4.08 9.03 -0.31
N GLY A 107 4.00 9.05 1.03
CA GLY A 107 3.20 8.07 1.79
C GLY A 107 3.99 7.36 2.88
N SER A 108 3.66 6.13 3.17
CA SER A 108 4.29 5.44 4.32
C SER A 108 3.98 3.95 4.32
N GLY A 109 4.86 3.19 4.98
CA GLY A 109 4.53 1.82 5.39
C GLY A 109 3.62 1.91 6.60
N GLU A 110 3.73 0.95 7.50
CA GLU A 110 2.75 0.73 8.57
C GLU A 110 2.65 1.98 9.46
N VAL A 111 1.42 2.40 9.71
CA VAL A 111 1.11 3.44 10.71
C VAL A 111 0.26 2.77 11.79
N LYS A 112 0.52 3.08 13.05
CA LYS A 112 -0.23 2.50 14.18
C LYS A 112 -0.57 3.64 15.12
N PHE A 113 -1.84 3.73 15.51
CA PHE A 113 -2.31 4.65 16.55
C PHE A 113 -2.72 3.77 17.75
N PHE A 114 -2.08 3.97 18.89
CA PHE A 114 -2.34 3.16 20.12
C PHE A 114 -2.40 4.09 21.34
N GLY A 115 -2.81 5.34 21.13
CA GLY A 115 -2.96 6.35 22.19
C GLY A 115 -3.55 7.61 21.59
N GLN A 116 -3.80 8.63 22.39
CA GLN A 116 -4.45 9.87 21.88
C GLN A 116 -3.92 11.09 22.64
N VAL A 117 -4.06 12.24 22.00
CA VAL A 117 -3.77 13.59 22.57
C VAL A 117 -5.12 14.22 22.98
N LEU A 118 -5.34 14.29 24.28
CA LEU A 118 -6.52 14.97 24.86
C LEU A 118 -6.20 16.45 25.10
N PRO A 119 -7.26 17.28 25.22
CA PRO A 119 -7.10 18.70 25.50
C PRO A 119 -6.44 19.03 26.85
N THR A 120 -6.35 18.05 27.76
CA THR A 120 -5.68 18.19 29.09
C THR A 120 -4.19 17.82 29.01
N ALA A 121 -3.70 17.42 27.84
CA ALA A 121 -2.27 17.17 27.58
C ALA A 121 -1.51 18.48 27.59
N LYS A 122 -0.20 18.41 27.84
CA LYS A 122 0.72 19.56 27.89
C LYS A 122 1.55 19.64 26.62
N LYS A 123 2.11 18.53 26.12
CA LYS A 123 3.11 18.64 25.04
C LYS A 123 3.21 17.33 24.26
N VAL A 124 3.22 17.47 22.94
CA VAL A 124 3.45 16.35 21.97
C VAL A 124 4.91 16.46 21.52
N THR A 125 5.62 15.34 21.51
CA THR A 125 7.01 15.27 21.01
C THR A 125 7.05 14.29 19.85
N TYR A 126 7.68 14.70 18.76
CA TYR A 126 7.96 13.90 17.54
C TYR A 126 9.43 13.49 17.58
N ASN A 127 9.68 12.20 17.44
CA ASN A 127 11.02 11.60 17.26
C ASN A 127 11.06 10.95 15.87
N ILE A 128 11.94 11.45 15.01
CA ILE A 128 12.12 11.07 13.58
C ILE A 128 13.54 10.55 13.40
N HIS A 129 13.65 9.31 12.95
CA HIS A 129 14.93 8.65 12.61
C HIS A 129 15.01 8.46 11.09
N ILE A 130 15.88 9.23 10.46
CA ILE A 130 16.17 9.17 9.01
C ILE A 130 16.80 7.81 8.74
N LYS A 131 16.20 7.09 7.79
CA LYS A 131 16.65 5.72 7.45
C LYS A 131 17.51 5.77 6.17
N ARG A 132 17.13 6.56 5.17
CA ARG A 132 17.87 6.62 3.88
C ARG A 132 17.47 7.90 3.16
N THR A 133 18.41 8.56 2.51
CA THR A 133 18.14 9.58 1.47
C THR A 133 18.61 9.01 0.14
N ILE A 134 17.71 8.98 -0.86
CA ILE A 134 17.96 8.51 -2.25
C ILE A 134 18.18 9.77 -3.10
N ASN A 135 19.40 9.92 -3.63
CA ASN A 135 19.91 11.07 -4.41
C ASN A 135 20.49 10.56 -5.73
N LEU A 138 15.32 11.34 -8.48
CA LEU A 138 14.80 12.52 -7.73
C LEU A 138 15.18 12.41 -6.24
N VAL A 139 15.05 13.49 -5.47
CA VAL A 139 15.54 13.56 -4.06
C VAL A 139 14.41 13.10 -3.12
N LEU A 140 14.65 12.10 -2.30
CA LEU A 140 13.63 11.68 -1.31
C LEU A 140 14.31 11.11 -0.05
N ALA A 141 13.57 11.16 1.06
CA ALA A 141 13.97 10.64 2.39
C ALA A 141 13.00 9.55 2.80
N ILE A 142 13.54 8.50 3.41
CA ILE A 142 12.74 7.47 4.11
C ILE A 142 13.11 7.56 5.60
N ALA A 143 12.10 7.50 6.46
CA ALA A 143 12.27 7.70 7.92
C ALA A 143 11.27 6.85 8.68
N ASP A 144 11.59 6.55 9.93
CA ASP A 144 10.67 5.97 10.92
C ASP A 144 10.38 7.08 11.93
N GLY A 145 9.16 7.14 12.46
CA GLY A 145 8.83 8.15 13.46
C GLY A 145 7.92 7.64 14.54
N THR A 146 7.94 8.34 15.66
CA THR A 146 6.99 8.16 16.78
C THR A 146 6.44 9.51 17.21
N VAL A 147 5.21 9.48 17.69
CA VAL A 147 4.53 10.64 18.30
C VAL A 147 4.32 10.25 19.76
N SER A 148 4.68 11.14 20.68
CA SER A 148 4.52 10.91 22.14
C SER A 148 3.77 12.09 22.75
N VAL A 149 3.07 11.87 23.86
CA VAL A 149 2.34 12.94 24.58
C VAL A 149 2.71 12.81 26.06
N ASP A 150 3.34 13.85 26.60
CA ASP A 150 3.81 13.95 28.00
C ASP A 150 4.54 12.68 28.41
N GLY A 151 5.46 12.18 27.58
CA GLY A 151 6.32 11.02 27.85
C GLY A 151 5.84 9.70 27.25
N ARG A 152 4.56 9.58 26.91
CA ARG A 152 3.97 8.28 26.52
C ARG A 152 3.93 8.17 24.99
N GLU A 153 4.55 7.14 24.43
CA GLU A 153 4.49 6.85 22.97
C GLU A 153 3.04 6.52 22.63
N ILE A 154 2.45 7.11 21.58
CA ILE A 154 1.04 6.83 21.19
C ILE A 154 0.95 6.45 19.70
N TYR A 155 1.80 6.96 18.81
CA TYR A 155 1.73 6.62 17.37
C TYR A 155 3.12 6.21 16.89
N SER A 156 3.16 5.32 15.91
CA SER A 156 4.40 4.93 15.17
C SER A 156 4.12 4.96 13.68
N ALA A 157 5.12 5.36 12.91
CA ALA A 157 5.10 5.21 11.45
C ALA A 157 6.44 4.61 11.00
N GLU A 158 6.37 3.59 10.16
CA GLU A 158 7.53 3.00 9.45
C GLU A 158 7.52 3.39 7.97
N GLY A 159 8.65 3.79 7.43
CA GLY A 159 8.80 4.05 5.98
C GLY A 159 8.03 5.30 5.54
N LEU A 160 7.98 6.33 6.38
CA LEU A 160 7.55 7.68 5.95
C LEU A 160 8.39 8.02 4.72
N ARG A 161 7.77 8.50 3.65
CA ARG A 161 8.49 8.89 2.43
C ARG A 161 8.07 10.30 2.05
N VAL A 162 9.04 11.16 1.81
CA VAL A 162 8.83 12.56 1.35
C VAL A 162 9.80 12.81 0.20
N GLY A 163 9.34 13.50 -0.84
CA GLY A 163 10.22 13.89 -1.97
C GLY A 163 10.22 15.40 -2.23
N LEU A 164 11.32 15.89 -2.81
CA LEU A 164 11.44 17.29 -3.31
C LEU A 164 11.26 17.28 -4.83
N PHE A 165 10.49 18.25 -5.32
CA PHE A 165 10.09 18.41 -6.73
C PHE A 165 10.55 19.80 -7.20
N THR A 166 11.46 19.85 -8.18
CA THR A 166 11.95 21.10 -8.82
C THR A 166 10.89 21.58 -9.84
N SER A 167 9.95 20.70 -10.22
CA SER A 167 8.64 21.05 -10.85
C SER A 167 7.54 20.10 -10.33
N THR A 168 6.57 20.60 -9.52
CA THR A 168 5.45 19.81 -8.89
C THR A 168 4.28 19.60 -9.86
N ASP A 169 4.27 20.27 -11.04
CA ASP A 169 3.20 20.24 -12.08
C ASP A 169 3.17 18.89 -12.82
N SER A 170 4.27 18.12 -12.77
CA SER A 170 4.37 16.69 -13.19
C SER A 170 4.06 15.79 -11.97
N PHE A 171 2.80 15.84 -11.51
CA PHE A 171 2.26 15.26 -10.24
C PHE A 171 0.80 15.74 -10.09
N THR B 2 -28.97 0.43 8.19
CA THR B 2 -28.81 -0.39 6.96
C THR B 2 -30.09 -0.26 6.10
N LYS B 3 -30.90 0.79 6.33
CA LYS B 3 -31.99 1.21 5.40
C LYS B 3 -31.38 2.20 4.40
N GLN B 4 -30.85 3.35 4.86
CA GLN B 4 -30.45 4.49 3.99
C GLN B 4 -29.07 4.23 3.37
N HIS B 5 -28.95 4.34 2.03
CA HIS B 5 -27.74 3.94 1.25
C HIS B 5 -27.02 5.18 0.70
N ALA B 6 -27.50 6.37 1.03
CA ALA B 6 -26.88 7.66 0.61
C ALA B 6 -27.14 8.69 1.70
N PHE B 7 -26.24 9.64 1.88
CA PHE B 7 -26.31 10.69 2.92
C PHE B 7 -25.90 12.04 2.31
N THR B 8 -26.68 13.09 2.61
CA THR B 8 -26.43 14.50 2.22
C THR B 8 -25.45 15.14 3.18
N ARG B 9 -24.94 16.30 2.81
CA ARG B 9 -24.05 17.09 3.69
C ARG B 9 -24.75 17.33 5.03
N GLU B 10 -26.01 17.74 5.00
CA GLU B 10 -26.83 18.00 6.21
C GLU B 10 -26.93 16.71 7.08
N ASP B 11 -26.96 15.51 6.48
CA ASP B 11 -26.97 14.23 7.23
C ASP B 11 -25.61 14.04 7.92
N LEU B 12 -24.52 14.37 7.22
CA LEU B 12 -23.15 14.25 7.79
C LEU B 12 -22.99 15.25 8.95
N LEU B 13 -23.55 16.45 8.84
CA LEU B 13 -23.45 17.44 9.96
C LEU B 13 -24.24 16.88 11.16
N ARG B 14 -25.42 16.30 10.92
CA ARG B 14 -26.23 15.70 12.01
C ARG B 14 -25.42 14.59 12.71
N CYS B 15 -24.71 13.78 11.93
CA CYS B 15 -23.76 12.75 12.42
C CYS B 15 -22.70 13.40 13.31
N SER B 16 -22.15 14.54 12.89
CA SER B 16 -21.07 15.23 13.62
C SER B 16 -21.61 15.77 14.94
N ARG B 17 -22.92 15.96 15.07
CA ARG B 17 -23.53 16.38 16.38
C ARG B 17 -23.89 15.16 17.25
N GLY B 18 -23.74 13.92 16.78
CA GLY B 18 -24.13 12.74 17.56
C GLY B 18 -25.59 12.39 17.33
N GLU B 19 -26.23 13.08 16.39
CA GLU B 19 -27.70 13.02 16.21
C GLU B 19 -28.09 12.03 15.10
N LEU B 20 -27.14 11.37 14.42
CA LEU B 20 -27.49 10.30 13.45
C LEU B 20 -27.47 8.93 14.13
N PHE B 21 -26.37 8.56 14.79
CA PHE B 21 -26.21 7.21 15.40
C PHE B 21 -26.55 7.28 16.91
N GLY B 22 -26.70 8.46 17.50
CA GLY B 22 -27.03 8.63 18.93
C GLY B 22 -25.80 8.91 19.77
N PRO B 23 -25.97 9.49 20.97
CA PRO B 23 -24.84 9.82 21.85
C PRO B 23 -24.10 8.56 22.32
N GLY B 24 -22.76 8.64 22.40
CA GLY B 24 -21.87 7.50 22.72
C GLY B 24 -21.59 6.59 21.52
N ASN B 25 -22.12 6.90 20.34
CA ASN B 25 -21.88 6.09 19.11
C ASN B 25 -21.10 6.96 18.12
N ALA B 26 -20.80 6.41 16.94
CA ALA B 26 -19.79 6.90 15.99
C ALA B 26 -20.18 8.31 15.58
N GLN B 27 -19.17 9.17 15.43
CA GLN B 27 -19.34 10.61 15.13
C GLN B 27 -18.36 10.98 14.01
N LEU B 28 -18.87 11.67 12.99
CA LEU B 28 -17.98 12.33 12.01
C LEU B 28 -17.43 13.58 12.68
N PRO B 29 -16.27 14.12 12.24
CA PRO B 29 -15.84 15.43 12.70
C PRO B 29 -16.77 16.52 12.11
N ALA B 30 -16.89 17.67 12.76
CA ALA B 30 -17.54 18.88 12.18
C ALA B 30 -16.49 19.63 11.34
N PRO B 31 -16.88 20.63 10.53
CA PRO B 31 -15.92 21.59 9.97
C PRO B 31 -15.11 22.27 11.08
N ASN B 32 -13.80 22.43 10.88
CA ASN B 32 -13.13 22.26 9.61
C ASN B 32 -12.35 20.95 9.49
N MET B 33 -12.58 19.93 10.33
CA MET B 33 -11.88 18.62 10.15
C MET B 33 -12.67 17.69 9.22
N LEU B 34 -13.96 17.98 8.91
CA LEU B 34 -14.81 17.12 8.05
C LEU B 34 -14.28 17.25 6.61
N MET B 35 -13.99 16.13 5.94
CA MET B 35 -13.37 16.11 4.59
C MET B 35 -14.28 15.38 3.58
N ILE B 36 -15.57 15.31 3.91
CA ILE B 36 -16.63 14.66 3.09
C ILE B 36 -17.82 15.61 2.99
N ASP B 37 -18.37 15.83 1.78
CA ASP B 37 -19.64 16.60 1.54
C ASP B 37 -20.81 15.62 1.47
N ARG B 38 -20.63 14.43 0.89
CA ARG B 38 -21.76 13.48 0.69
C ARG B 38 -21.24 12.05 0.61
N ILE B 39 -22.07 11.13 1.07
CA ILE B 39 -21.89 9.69 0.84
C ILE B 39 -22.88 9.31 -0.24
N VAL B 40 -22.35 9.00 -1.41
CA VAL B 40 -23.17 8.71 -2.63
C VAL B 40 -23.74 7.30 -2.51
N HIS B 41 -22.92 6.36 -2.04
CA HIS B 41 -23.30 4.94 -1.89
C HIS B 41 -22.64 4.33 -0.65
N ILE B 42 -23.40 3.61 0.15
CA ILE B 42 -22.85 2.71 1.21
C ILE B 42 -23.71 1.44 1.20
N SER B 43 -23.09 0.28 1.36
CA SER B 43 -23.75 -1.04 1.45
C SER B 43 -22.85 -1.98 2.27
N ASP B 44 -23.41 -3.04 2.88
CA ASP B 44 -22.60 -4.01 3.69
C ASP B 44 -22.48 -5.35 2.96
N VAL B 45 -22.97 -5.46 1.73
CA VAL B 45 -22.79 -6.67 0.89
C VAL B 45 -22.24 -6.24 -0.47
N GLY B 46 -21.69 -7.20 -1.20
CA GLY B 46 -21.03 -6.92 -2.50
C GLY B 46 -19.68 -6.27 -2.31
N GLY B 47 -19.29 -5.42 -3.27
CA GLY B 47 -17.98 -4.75 -3.24
C GLY B 47 -16.87 -5.73 -3.58
N LYS B 48 -15.64 -5.24 -3.55
CA LYS B 48 -14.44 -5.97 -3.99
C LYS B 48 -14.25 -7.27 -3.17
N TYR B 49 -14.65 -7.29 -1.90
CA TYR B 49 -14.42 -8.46 -1.00
C TYR B 49 -15.75 -9.03 -0.49
N GLY B 50 -16.89 -8.58 -1.02
CA GLY B 50 -18.19 -9.05 -0.52
C GLY B 50 -18.60 -8.50 0.84
N LYS B 51 -17.91 -7.49 1.40
CA LYS B 51 -18.29 -6.87 2.70
C LYS B 51 -18.78 -5.43 2.49
N GLY B 52 -19.10 -5.09 1.26
CA GLY B 52 -19.70 -3.79 0.90
C GLY B 52 -18.66 -2.75 0.50
N GLU B 53 -19.11 -1.51 0.36
CA GLU B 53 -18.27 -0.40 -0.14
C GLU B 53 -18.92 0.91 0.29
N LEU B 54 -18.09 1.95 0.31
CA LEU B 54 -18.53 3.34 0.41
C LEU B 54 -17.94 4.11 -0.77
N VAL B 55 -18.77 4.94 -1.36
CA VAL B 55 -18.37 5.99 -2.33
C VAL B 55 -18.79 7.33 -1.75
N ALA B 56 -17.86 8.27 -1.66
CA ALA B 56 -18.12 9.58 -1.04
C ALA B 56 -17.40 10.65 -1.84
N GLU B 57 -17.84 11.90 -1.70
CA GLU B 57 -17.32 13.03 -2.50
C GLU B 57 -17.04 14.23 -1.60
N LEU B 58 -15.98 14.96 -1.93
CA LEU B 58 -15.67 16.31 -1.41
C LEU B 58 -15.62 17.28 -2.60
N ASP B 59 -16.42 18.35 -2.55
CA ASP B 59 -16.35 19.47 -3.54
C ASP B 59 -15.12 20.33 -3.26
N ILE B 60 -14.36 20.64 -4.32
CA ILE B 60 -13.13 21.48 -4.22
C ILE B 60 -13.45 22.87 -4.78
N ASN B 61 -13.02 23.90 -4.08
CA ASN B 61 -13.00 25.31 -4.55
C ASN B 61 -11.74 25.94 -3.96
N PRO B 62 -11.22 27.04 -4.56
CA PRO B 62 -9.95 27.62 -4.13
C PRO B 62 -9.96 28.24 -2.73
N ASP B 63 -11.14 28.41 -2.13
CA ASP B 63 -11.27 29.02 -0.79
C ASP B 63 -11.22 27.96 0.33
N LEU B 64 -11.12 26.66 0.08
CA LEU B 64 -11.06 25.72 1.23
C LEU B 64 -9.85 26.10 2.10
N TRP B 65 -10.00 26.08 3.41
CA TRP B 65 -9.05 26.70 4.38
C TRP B 65 -7.61 26.21 4.16
N PHE B 66 -7.40 24.95 3.78
CA PHE B 66 -6.06 24.32 3.84
C PHE B 66 -5.18 24.80 2.68
N PHE B 67 -5.75 25.31 1.59
CA PHE B 67 -5.00 25.81 0.41
C PHE B 67 -4.17 27.06 0.76
N ALA B 68 -4.68 27.95 1.60
CA ALA B 68 -4.01 29.21 2.02
C ALA B 68 -2.74 28.90 2.82
N CYS B 69 -2.77 27.91 3.73
CA CYS B 69 -1.65 27.67 4.67
C CYS B 69 -0.79 26.48 4.22
N HIS B 70 -1.16 25.78 3.15
CA HIS B 70 -0.52 24.50 2.74
C HIS B 70 -0.39 24.45 1.23
N PHE B 71 0.63 25.10 0.67
CA PHE B 71 1.61 25.96 1.32
C PHE B 71 1.45 27.39 0.75
N GLU B 72 1.95 28.41 1.45
CA GLU B 72 1.93 29.79 0.90
C GLU B 72 2.59 29.78 -0.49
N GLY B 73 1.93 30.33 -1.50
CA GLY B 73 2.49 30.38 -2.86
C GLY B 73 2.53 29.03 -3.56
N ASP B 74 2.02 27.94 -2.95
CA ASP B 74 2.08 26.56 -3.50
C ASP B 74 0.92 25.74 -2.92
N PRO B 75 -0.34 26.09 -3.23
CA PRO B 75 -1.50 25.47 -2.59
C PRO B 75 -1.71 24.03 -3.08
N VAL B 76 -1.88 23.09 -2.14
CA VAL B 76 -2.10 21.65 -2.43
C VAL B 76 -2.84 21.05 -1.24
N MET B 77 -3.89 20.27 -1.51
CA MET B 77 -4.66 19.64 -0.41
C MET B 77 -3.70 18.74 0.37
N PRO B 78 -3.59 18.86 1.71
CA PRO B 78 -2.74 17.92 2.45
C PRO B 78 -3.15 16.46 2.22
N GLY B 79 -2.17 15.61 1.88
CA GLY B 79 -2.42 14.15 1.73
C GLY B 79 -3.06 13.57 3.00
N CYS B 80 -2.64 14.04 4.19
CA CYS B 80 -3.10 13.53 5.50
C CYS B 80 -4.62 13.69 5.64
N LEU B 81 -5.23 14.72 5.02
CA LEU B 81 -6.68 14.97 5.13
C LEU B 81 -7.46 14.01 4.22
N GLY B 82 -6.93 13.70 3.04
CA GLY B 82 -7.47 12.65 2.15
C GLY B 82 -7.45 11.27 2.82
N LEU B 83 -6.32 10.93 3.42
CA LEU B 83 -6.21 9.68 4.23
C LEU B 83 -7.24 9.75 5.36
N ASP B 84 -7.37 10.89 6.02
CA ASP B 84 -8.31 11.02 7.17
C ASP B 84 -9.75 10.75 6.71
N ALA B 85 -10.17 11.28 5.58
CA ALA B 85 -11.53 11.05 5.05
C ALA B 85 -11.78 9.53 4.97
N MET B 86 -10.76 8.78 4.58
CA MET B 86 -10.93 7.32 4.38
C MET B 86 -11.14 6.65 5.76
N TRP B 87 -10.38 7.08 6.79
CA TRP B 87 -10.58 6.57 8.19
C TRP B 87 -11.96 6.98 8.68
N GLN B 88 -12.38 8.22 8.44
CA GLN B 88 -13.69 8.69 8.92
C GLN B 88 -14.78 7.85 8.26
N LEU B 89 -14.61 7.49 6.98
CA LEU B 89 -15.64 6.69 6.25
C LEU B 89 -15.72 5.28 6.84
N VAL B 90 -14.61 4.65 7.22
CA VAL B 90 -14.64 3.29 7.82
C VAL B 90 -15.34 3.37 9.19
N GLY B 91 -15.10 4.45 9.94
CA GLY B 91 -15.81 4.71 11.21
C GLY B 91 -17.31 4.80 10.97
N PHE B 92 -17.69 5.58 9.96
CA PHE B 92 -19.11 5.78 9.58
C PHE B 92 -19.75 4.41 9.29
N TYR B 93 -19.09 3.60 8.48
CA TYR B 93 -19.56 2.23 8.14
C TYR B 93 -19.86 1.44 9.41
N LEU B 94 -18.93 1.41 10.36
CA LEU B 94 -19.12 0.64 11.62
C LEU B 94 -20.35 1.18 12.37
N GLY B 95 -20.58 2.50 12.40
CA GLY B 95 -21.75 3.13 13.05
C GLY B 95 -23.05 2.76 12.34
N TRP B 96 -23.01 2.85 11.03
CA TRP B 96 -24.15 2.61 10.13
C TRP B 96 -24.62 1.17 10.23
N GLN B 97 -23.71 0.26 10.54
CA GLN B 97 -24.08 -1.17 10.73
C GLN B 97 -24.85 -1.36 12.05
N GLY B 98 -24.88 -0.36 12.94
CA GLY B 98 -25.60 -0.45 14.22
C GLY B 98 -24.72 -0.92 15.37
N ASN B 99 -23.40 -0.89 15.23
CA ASN B 99 -22.48 -1.13 16.37
C ASN B 99 -22.47 0.09 17.29
N PRO B 100 -22.39 -0.11 18.63
CA PRO B 100 -22.28 1.00 19.58
C PRO B 100 -20.81 1.41 19.75
N GLY B 101 -20.59 2.58 20.34
CA GLY B 101 -19.28 3.08 20.76
C GLY B 101 -18.68 4.12 19.84
N ARG B 102 -17.71 4.84 20.38
CA ARG B 102 -17.01 5.97 19.70
C ARG B 102 -15.88 5.42 18.83
N GLY B 103 -15.62 6.04 17.69
CA GLY B 103 -14.61 5.57 16.73
C GLY B 103 -13.24 6.16 16.99
N ARG B 104 -12.20 5.37 16.74
CA ARG B 104 -10.79 5.79 16.75
C ARG B 104 -10.09 5.08 15.59
N ALA B 105 -9.30 5.80 14.78
CA ALA B 105 -8.43 5.20 13.75
C ALA B 105 -7.33 4.45 14.49
N LEU B 106 -7.00 3.25 14.05
CA LEU B 106 -5.94 2.39 14.62
C LEU B 106 -4.71 2.39 13.70
N GLY B 107 -4.88 2.76 12.43
CA GLY B 107 -3.74 3.01 11.52
C GLY B 107 -3.95 2.39 10.16
N SER B 108 -2.87 2.01 9.49
CA SER B 108 -2.88 1.63 8.07
C SER B 108 -1.68 0.74 7.76
N GLY B 109 -1.83 -0.19 6.80
CA GLY B 109 -0.67 -0.70 6.08
C GLY B 109 -0.19 0.40 5.14
N GLU B 110 0.17 0.04 3.94
CA GLU B 110 0.87 0.94 3.00
C GLU B 110 -0.09 2.03 2.48
N VAL B 111 0.36 3.28 2.59
CA VAL B 111 -0.25 4.47 1.98
C VAL B 111 0.68 5.01 0.91
N LYS B 112 0.12 5.31 -0.28
CA LYS B 112 0.88 5.92 -1.40
C LYS B 112 0.14 7.17 -1.88
N PHE B 113 0.88 8.26 -2.01
CA PHE B 113 0.39 9.53 -2.61
C PHE B 113 1.13 9.67 -3.95
N PHE B 114 0.43 9.55 -5.08
CA PHE B 114 1.08 9.58 -6.41
C PHE B 114 0.34 10.57 -7.33
N GLY B 115 -0.29 11.57 -6.72
CA GLY B 115 -0.86 12.75 -7.40
C GLY B 115 -1.35 13.74 -6.36
N GLN B 116 -2.02 14.79 -6.80
CA GLN B 116 -2.35 15.91 -5.88
C GLN B 116 -3.66 16.54 -6.26
N VAL B 117 -4.28 17.21 -5.28
CA VAL B 117 -5.52 18.01 -5.44
C VAL B 117 -5.16 19.50 -5.44
N LEU B 118 -5.23 20.16 -6.60
CA LEU B 118 -4.95 21.62 -6.73
C LEU B 118 -6.24 22.41 -6.46
N PRO B 119 -6.14 23.71 -6.13
CA PRO B 119 -7.34 24.53 -5.93
C PRO B 119 -8.26 24.74 -7.16
N THR B 120 -7.79 24.35 -8.34
CA THR B 120 -8.52 24.37 -9.64
C THR B 120 -9.33 23.08 -9.89
N ALA B 121 -9.16 22.05 -9.06
CA ALA B 121 -9.93 20.78 -9.19
C ALA B 121 -11.41 21.03 -8.84
N LYS B 122 -12.28 20.11 -9.25
CA LYS B 122 -13.73 20.23 -8.99
C LYS B 122 -14.16 19.27 -7.88
N LYS B 123 -13.73 18.02 -7.91
CA LYS B 123 -14.32 17.05 -6.96
C LYS B 123 -13.32 15.96 -6.61
N VAL B 124 -13.27 15.64 -5.31
CA VAL B 124 -12.54 14.45 -4.81
C VAL B 124 -13.54 13.34 -4.53
N THR B 125 -13.22 12.14 -4.99
CA THR B 125 -14.02 10.92 -4.75
C THR B 125 -13.19 9.90 -3.96
N TYR B 126 -13.79 9.39 -2.88
CA TYR B 126 -13.28 8.29 -2.01
C TYR B 126 -14.03 7.00 -2.36
N ASN B 127 -13.30 5.93 -2.68
CA ASN B 127 -13.82 4.55 -2.81
C ASN B 127 -13.21 3.68 -1.71
N ILE B 128 -14.07 3.16 -0.83
CA ILE B 128 -13.64 2.30 0.32
C ILE B 128 -14.17 0.89 0.07
N HIS B 129 -13.28 -0.10 0.06
CA HIS B 129 -13.63 -1.54 -0.01
C HIS B 129 -13.42 -2.19 1.36
N ILE B 130 -14.50 -2.51 2.07
CA ILE B 130 -14.41 -3.26 3.36
C ILE B 130 -13.84 -4.66 3.06
N LYS B 131 -12.73 -4.99 3.69
CA LYS B 131 -12.01 -6.28 3.58
C LYS B 131 -12.48 -7.25 4.68
N ARG B 132 -12.56 -6.79 5.93
CA ARG B 132 -12.94 -7.65 7.10
C ARG B 132 -13.54 -6.77 8.20
N THR B 133 -14.53 -7.30 8.91
CA THR B 133 -15.00 -6.77 10.22
C THR B 133 -14.82 -7.87 11.26
N ILE B 134 -14.15 -7.55 12.37
CA ILE B 134 -13.95 -8.44 13.55
C ILE B 134 -14.87 -7.95 14.67
N ASN B 135 -15.67 -8.87 15.21
CA ASN B 135 -16.78 -8.60 16.16
C ASN B 135 -16.55 -9.46 17.41
N ARG B 136 -15.35 -9.38 18.00
CA ARG B 136 -15.00 -10.17 19.21
C ARG B 136 -15.08 -9.24 20.44
N SER B 137 -14.04 -9.20 21.29
CA SER B 137 -13.95 -8.29 22.46
C SER B 137 -14.02 -6.82 21.98
N LEU B 138 -13.58 -6.56 20.75
CA LEU B 138 -13.48 -5.22 20.14
C LEU B 138 -14.18 -5.23 18.77
N VAL B 139 -14.91 -4.18 18.39
CA VAL B 139 -15.52 -4.07 17.04
C VAL B 139 -14.55 -3.30 16.14
N LEU B 140 -14.19 -3.90 15.02
CA LEU B 140 -13.04 -3.46 14.18
C LEU B 140 -13.41 -3.62 12.71
N ALA B 141 -13.00 -2.70 11.84
CA ALA B 141 -13.01 -2.93 10.36
C ALA B 141 -11.62 -2.72 9.74
N ILE B 142 -11.32 -3.54 8.73
CA ILE B 142 -10.11 -3.43 7.88
C ILE B 142 -10.62 -3.12 6.48
N ALA B 143 -10.00 -2.15 5.80
CA ALA B 143 -10.43 -1.73 4.45
C ALA B 143 -9.27 -1.29 3.56
N ASP B 144 -9.51 -1.34 2.25
CA ASP B 144 -8.65 -0.73 1.21
C ASP B 144 -9.40 0.49 0.68
N GLY B 145 -8.67 1.53 0.27
CA GLY B 145 -9.24 2.80 -0.17
C GLY B 145 -8.45 3.49 -1.25
N THR B 146 -9.14 4.22 -2.12
CA THR B 146 -8.52 5.12 -3.12
C THR B 146 -9.14 6.51 -2.98
N VAL B 147 -8.30 7.51 -3.18
CA VAL B 147 -8.70 8.90 -3.39
C VAL B 147 -8.45 9.21 -4.86
N SER B 148 -9.44 9.79 -5.51
CA SER B 148 -9.38 10.22 -6.93
C SER B 148 -9.72 11.71 -6.98
N VAL B 149 -9.18 12.41 -7.96
CA VAL B 149 -9.64 13.80 -8.22
C VAL B 149 -10.03 13.91 -9.69
N ASP B 150 -11.29 14.29 -9.96
CA ASP B 150 -11.83 14.51 -11.33
C ASP B 150 -11.54 13.26 -12.19
N GLY B 151 -11.78 12.06 -11.64
CA GLY B 151 -11.66 10.74 -12.32
C GLY B 151 -10.29 10.07 -12.16
N ARG B 152 -9.23 10.82 -11.84
CA ARG B 152 -7.85 10.24 -11.74
C ARG B 152 -7.56 9.74 -10.33
N GLU B 153 -7.18 8.47 -10.19
CA GLU B 153 -6.70 7.90 -8.89
C GLU B 153 -5.37 8.55 -8.47
N ILE B 154 -5.30 9.09 -7.26
CA ILE B 154 -4.06 9.81 -6.81
C ILE B 154 -3.50 9.24 -5.50
N TYR B 155 -4.33 8.70 -4.59
CA TYR B 155 -3.87 8.01 -3.37
C TYR B 155 -4.45 6.60 -3.26
N SER B 156 -3.68 5.69 -2.69
CA SER B 156 -4.16 4.35 -2.25
C SER B 156 -3.75 4.14 -0.78
N ALA B 157 -4.57 3.38 -0.05
CA ALA B 157 -4.29 2.92 1.32
C ALA B 157 -4.72 1.46 1.41
N GLU B 158 -3.79 0.59 1.83
CA GLU B 158 -4.09 -0.83 2.17
C GLU B 158 -4.19 -0.97 3.69
N GLY B 159 -5.14 -1.79 4.15
CA GLY B 159 -5.32 -2.17 5.57
C GLY B 159 -5.58 -0.96 6.43
N LEU B 160 -6.46 -0.05 6.01
CA LEU B 160 -7.02 0.97 6.94
C LEU B 160 -7.73 0.21 8.07
N ARG B 161 -7.48 0.62 9.30
CA ARG B 161 -8.04 -0.04 10.52
C ARG B 161 -8.74 1.00 11.38
N VAL B 162 -10.02 0.79 11.67
CA VAL B 162 -10.81 1.65 12.60
C VAL B 162 -11.54 0.78 13.61
N GLY B 163 -11.59 1.23 14.86
CA GLY B 163 -12.27 0.51 15.94
C GLY B 163 -13.35 1.35 16.58
N LEU B 164 -14.40 0.70 17.11
CA LEU B 164 -15.39 1.36 18.00
C LEU B 164 -15.12 0.92 19.45
N PHE B 165 -15.17 1.89 20.37
CA PHE B 165 -14.80 1.78 21.81
C PHE B 165 -16.00 2.22 22.68
N THR B 166 -16.60 1.29 23.41
CA THR B 166 -17.71 1.59 24.36
C THR B 166 -17.12 2.30 25.57
N SER B 167 -15.80 2.24 25.73
CA SER B 167 -14.97 3.18 26.52
C SER B 167 -13.59 3.35 25.84
N THR B 168 -13.24 4.55 25.34
CA THR B 168 -11.91 4.89 24.73
C THR B 168 -10.85 5.14 25.83
N ASP B 169 -10.98 4.50 26.99
CA ASP B 169 -10.17 4.80 28.21
C ASP B 169 -8.77 4.13 28.10
N SER B 170 -8.62 3.11 27.23
CA SER B 170 -7.33 2.47 26.84
C SER B 170 -6.30 3.52 26.36
N PHE B 171 -6.78 4.54 25.62
CA PHE B 171 -5.98 5.47 24.76
C PHE B 171 -5.46 6.71 25.53
N MET C 1 -34.65 -29.40 -17.06
CA MET C 1 -34.20 -29.45 -18.48
C MET C 1 -32.85 -30.22 -18.63
N THR C 2 -32.40 -30.94 -17.60
CA THR C 2 -31.04 -31.52 -17.54
C THR C 2 -30.98 -32.84 -18.32
N LYS C 3 -32.11 -33.32 -18.87
CA LYS C 3 -32.11 -34.49 -19.78
C LYS C 3 -31.74 -34.04 -21.20
N GLN C 4 -31.74 -32.74 -21.51
CA GLN C 4 -31.33 -32.24 -22.87
C GLN C 4 -29.85 -31.84 -22.79
N HIS C 5 -28.98 -32.45 -23.61
CA HIS C 5 -27.50 -32.38 -23.49
C HIS C 5 -26.88 -31.61 -24.67
N ALA C 6 -27.69 -31.04 -25.56
CA ALA C 6 -27.20 -30.30 -26.74
C ALA C 6 -28.23 -29.25 -27.14
N PHE C 7 -27.75 -28.12 -27.66
CA PHE C 7 -28.56 -26.96 -28.06
C PHE C 7 -28.05 -26.45 -29.39
N THR C 8 -28.98 -26.12 -30.29
CA THR C 8 -28.70 -25.56 -31.64
C THR C 8 -28.51 -24.05 -31.52
N ARG C 9 -28.02 -23.41 -32.58
CA ARG C 9 -27.94 -21.92 -32.65
C ARG C 9 -29.33 -21.34 -32.39
N GLU C 10 -30.37 -21.93 -32.96
CA GLU C 10 -31.75 -21.37 -32.81
C GLU C 10 -32.15 -21.49 -31.33
N ASP C 11 -31.74 -22.53 -30.60
CA ASP C 11 -31.98 -22.61 -29.13
C ASP C 11 -31.27 -21.44 -28.41
N LEU C 12 -30.05 -21.12 -28.83
CA LEU C 12 -29.25 -20.05 -28.17
C LEU C 12 -29.90 -18.70 -28.48
N LEU C 13 -30.39 -18.47 -29.71
CA LEU C 13 -31.11 -17.23 -30.07
C LEU C 13 -32.37 -17.11 -29.20
N ARG C 14 -33.16 -18.18 -29.12
CA ARG C 14 -34.36 -18.25 -28.26
C ARG C 14 -33.93 -17.90 -26.82
N CYS C 15 -32.80 -18.43 -26.36
CA CYS C 15 -32.29 -18.15 -24.99
C CYS C 15 -32.05 -16.62 -24.85
N SER C 16 -31.43 -15.99 -25.85
CA SER C 16 -31.09 -14.55 -25.89
C SER C 16 -32.35 -13.67 -25.79
N ARG C 17 -33.49 -14.15 -26.30
CA ARG C 17 -34.78 -13.43 -26.29
C ARG C 17 -35.54 -13.64 -24.98
N GLY C 18 -35.07 -14.54 -24.12
CA GLY C 18 -35.73 -14.88 -22.83
C GLY C 18 -36.66 -16.08 -22.95
N GLU C 19 -36.77 -16.64 -24.15
CA GLU C 19 -37.79 -17.66 -24.53
C GLU C 19 -37.30 -19.09 -24.21
N LEU C 20 -36.15 -19.29 -23.59
CA LEU C 20 -35.68 -20.65 -23.22
C LEU C 20 -35.89 -20.87 -21.72
N PHE C 21 -35.38 -19.97 -20.87
CA PHE C 21 -35.38 -20.16 -19.39
C PHE C 21 -36.51 -19.38 -18.73
N GLY C 22 -37.23 -18.49 -19.42
CA GLY C 22 -38.37 -17.74 -18.86
C GLY C 22 -37.97 -16.30 -18.50
N PRO C 23 -38.91 -15.31 -18.52
CA PRO C 23 -38.52 -13.88 -18.56
C PRO C 23 -37.78 -13.26 -17.35
N GLY C 24 -37.68 -13.97 -16.20
CA GLY C 24 -36.85 -13.52 -15.05
C GLY C 24 -35.49 -14.18 -14.99
N ASN C 25 -35.14 -15.01 -15.97
CA ASN C 25 -34.04 -16.01 -15.81
C ASN C 25 -32.92 -15.73 -16.83
N ALA C 26 -31.88 -16.57 -16.80
CA ALA C 26 -30.61 -16.40 -17.55
C ALA C 26 -30.91 -16.06 -19.01
N GLN C 27 -30.13 -15.15 -19.59
CA GLN C 27 -30.15 -14.88 -21.04
C GLN C 27 -28.70 -14.96 -21.57
N LEU C 28 -28.47 -15.59 -22.72
CA LEU C 28 -27.26 -15.29 -23.50
C LEU C 28 -27.43 -13.91 -24.12
N PRO C 29 -26.31 -13.28 -24.55
CA PRO C 29 -26.38 -12.12 -25.42
C PRO C 29 -26.96 -12.51 -26.78
N ALA C 30 -27.61 -11.57 -27.45
CA ALA C 30 -27.96 -11.71 -28.89
C ALA C 30 -26.73 -11.30 -29.71
N PRO C 31 -26.70 -11.58 -31.03
CA PRO C 31 -25.69 -10.99 -31.90
C PRO C 31 -25.72 -9.46 -31.72
N ASN C 32 -24.57 -8.79 -31.67
CA ASN C 32 -23.28 -9.31 -32.06
C ASN C 32 -22.41 -9.62 -30.85
N MET C 33 -22.96 -9.73 -29.63
CA MET C 33 -22.16 -10.10 -28.43
C MET C 33 -22.19 -11.63 -28.24
N LEU C 34 -23.14 -12.36 -28.85
CA LEU C 34 -23.18 -13.84 -28.77
C LEU C 34 -21.90 -14.43 -29.38
N MET C 35 -21.17 -15.29 -28.66
CA MET C 35 -19.87 -15.83 -29.17
C MET C 35 -19.92 -17.37 -29.24
N ILE C 36 -21.12 -17.95 -29.29
CA ILE C 36 -21.36 -19.41 -29.38
C ILE C 36 -22.38 -19.66 -30.50
N ASP C 37 -22.13 -20.65 -31.34
CA ASP C 37 -23.06 -21.15 -32.39
C ASP C 37 -23.83 -22.35 -31.84
N ARG C 38 -23.18 -23.26 -31.12
CA ARG C 38 -23.90 -24.46 -30.63
C ARG C 38 -23.24 -24.97 -29.35
N ILE C 39 -24.07 -25.53 -28.48
CA ILE C 39 -23.60 -26.32 -27.31
C ILE C 39 -23.67 -27.79 -27.70
N VAL C 40 -22.50 -28.39 -27.95
CA VAL C 40 -22.31 -29.80 -28.41
C VAL C 40 -22.69 -30.76 -27.29
N HIS C 41 -22.28 -30.46 -26.06
CA HIS C 41 -22.47 -31.31 -24.86
C HIS C 41 -22.51 -30.42 -23.62
N ILE C 42 -23.50 -30.67 -22.77
CA ILE C 42 -23.67 -30.08 -21.43
C ILE C 42 -24.22 -31.18 -20.54
N SER C 43 -23.64 -31.32 -19.35
CA SER C 43 -24.01 -32.36 -18.37
C SER C 43 -23.71 -31.84 -16.97
N ASP C 44 -24.45 -32.33 -15.96
CA ASP C 44 -24.15 -32.00 -14.55
C ASP C 44 -23.20 -33.07 -13.98
N VAL C 45 -22.61 -33.91 -14.82
CA VAL C 45 -21.54 -34.86 -14.41
C VAL C 45 -20.41 -34.80 -15.43
N GLY C 46 -19.34 -35.55 -15.13
CA GLY C 46 -18.12 -35.62 -15.95
C GLY C 46 -17.34 -34.33 -15.76
N GLY C 47 -16.39 -34.08 -16.67
CA GLY C 47 -15.48 -32.92 -16.60
C GLY C 47 -14.43 -33.11 -15.51
N LYS C 48 -13.29 -32.45 -15.67
CA LYS C 48 -12.09 -32.47 -14.77
C LYS C 48 -12.47 -32.72 -13.30
N TYR C 49 -13.49 -32.08 -12.74
CA TYR C 49 -13.86 -32.20 -11.30
C TYR C 49 -15.06 -33.13 -11.08
N GLY C 50 -15.63 -33.78 -12.11
CA GLY C 50 -16.82 -34.65 -11.96
C GLY C 50 -18.09 -33.92 -11.54
N LYS C 51 -18.16 -32.59 -11.70
CA LYS C 51 -19.30 -31.76 -11.23
C LYS C 51 -20.01 -31.09 -12.42
N GLY C 52 -19.67 -31.47 -13.65
CA GLY C 52 -20.35 -30.96 -14.85
C GLY C 52 -19.39 -30.42 -15.88
N GLU C 53 -19.90 -30.22 -17.10
CA GLU C 53 -19.08 -29.90 -18.29
C GLU C 53 -19.96 -29.21 -19.35
N LEU C 54 -19.36 -28.34 -20.16
CA LEU C 54 -19.90 -27.90 -21.47
C LEU C 54 -18.80 -28.06 -22.51
N VAL C 55 -19.21 -28.46 -23.72
CA VAL C 55 -18.43 -28.37 -24.97
C VAL C 55 -19.27 -27.54 -25.93
N ALA C 56 -18.70 -26.47 -26.48
CA ALA C 56 -19.44 -25.52 -27.33
C ALA C 56 -18.54 -25.17 -28.49
N GLU C 57 -19.13 -24.58 -29.54
CA GLU C 57 -18.40 -24.24 -30.79
C GLU C 57 -18.85 -22.89 -31.31
N LEU C 58 -17.92 -22.23 -31.99
CA LEU C 58 -18.14 -21.01 -32.79
C LEU C 58 -17.48 -21.25 -34.15
N ASP C 59 -18.28 -21.20 -35.21
CA ASP C 59 -17.78 -21.26 -36.61
C ASP C 59 -17.11 -19.92 -36.92
N ILE C 60 -15.96 -20.00 -37.59
CA ILE C 60 -15.14 -18.83 -38.02
C ILE C 60 -15.24 -18.68 -39.54
N ASN C 61 -15.47 -17.45 -39.99
CA ASN C 61 -15.34 -17.07 -41.42
C ASN C 61 -14.77 -15.68 -41.41
N PRO C 62 -14.22 -15.21 -42.55
CA PRO C 62 -13.56 -13.92 -42.62
C PRO C 62 -14.48 -12.69 -42.39
N ASP C 63 -15.80 -12.83 -42.47
CA ASP C 63 -16.76 -11.69 -42.46
C ASP C 63 -17.27 -11.38 -41.04
N LEU C 64 -16.92 -12.18 -40.02
CA LEU C 64 -17.29 -11.87 -38.61
C LEU C 64 -16.86 -10.43 -38.29
N TRP C 65 -17.79 -9.62 -37.78
CA TRP C 65 -17.68 -8.14 -37.62
C TRP C 65 -16.34 -7.77 -36.96
N PHE C 66 -15.89 -8.56 -35.98
CA PHE C 66 -14.75 -8.17 -35.10
C PHE C 66 -13.44 -8.17 -35.89
N PHE C 67 -13.35 -8.92 -37.01
CA PHE C 67 -12.09 -9.04 -37.79
C PHE C 67 -11.73 -7.71 -38.47
N ALA C 68 -12.72 -6.97 -38.97
CA ALA C 68 -12.57 -5.68 -39.69
C ALA C 68 -12.03 -4.56 -38.76
N CYS C 69 -12.49 -4.48 -37.50
CA CYS C 69 -12.16 -3.38 -36.56
C CYS C 69 -11.05 -3.81 -35.57
N HIS C 70 -10.62 -5.07 -35.60
CA HIS C 70 -9.69 -5.63 -34.58
C HIS C 70 -8.68 -6.58 -35.23
N PHE C 71 -7.63 -6.03 -35.85
CA PHE C 71 -7.37 -4.62 -36.06
C PHE C 71 -7.40 -4.31 -37.56
N GLU C 72 -7.48 -3.03 -37.94
CA GLU C 72 -7.36 -2.61 -39.35
C GLU C 72 -6.01 -3.08 -39.89
N GLY C 73 -6.01 -3.91 -40.92
CA GLY C 73 -4.78 -4.46 -41.52
C GLY C 73 -4.18 -5.59 -40.71
N ASP C 74 -4.81 -6.05 -39.61
CA ASP C 74 -4.22 -7.09 -38.72
C ASP C 74 -5.34 -7.82 -37.98
N PRO C 75 -6.18 -8.59 -38.70
CA PRO C 75 -7.42 -9.11 -38.15
C PRO C 75 -7.16 -10.29 -37.20
N VAL C 76 -7.76 -10.23 -36.02
CA VAL C 76 -7.61 -11.30 -35.00
C VAL C 76 -8.80 -11.25 -34.06
N MET C 77 -9.30 -12.42 -33.68
CA MET C 77 -10.48 -12.44 -32.79
C MET C 77 -10.03 -11.81 -31.48
N PRO C 78 -10.79 -10.85 -30.90
CA PRO C 78 -10.46 -10.34 -29.56
C PRO C 78 -10.40 -11.48 -28.55
N GLY C 79 -9.34 -11.53 -27.75
CA GLY C 79 -9.26 -12.53 -26.67
C GLY C 79 -10.38 -12.35 -25.66
N CYS C 80 -10.78 -11.09 -25.45
CA CYS C 80 -11.82 -10.75 -24.47
C CYS C 80 -13.14 -11.41 -24.88
N LEU C 81 -13.37 -11.57 -26.19
CA LEU C 81 -14.63 -12.20 -26.69
C LEU C 81 -14.61 -13.73 -26.47
N GLY C 82 -13.43 -14.37 -26.63
CA GLY C 82 -13.26 -15.79 -26.27
C GLY C 82 -13.48 -16.02 -24.79
N LEU C 83 -12.89 -15.14 -23.96
CA LEU C 83 -13.09 -15.16 -22.49
C LEU C 83 -14.60 -15.01 -22.21
N ASP C 84 -15.26 -14.09 -22.93
CA ASP C 84 -16.70 -13.84 -22.69
C ASP C 84 -17.54 -15.08 -23.01
N ALA C 85 -17.24 -15.81 -24.08
CA ALA C 85 -17.94 -17.08 -24.42
C ALA C 85 -17.95 -17.98 -23.18
N MET C 86 -16.83 -18.01 -22.45
CA MET C 86 -16.69 -18.94 -21.29
C MET C 86 -17.61 -18.51 -20.15
N TRP C 87 -17.69 -17.21 -19.81
CA TRP C 87 -18.70 -16.64 -18.88
C TRP C 87 -20.14 -16.89 -19.39
N GLN C 88 -20.40 -16.66 -20.69
CA GLN C 88 -21.74 -16.90 -21.30
C GLN C 88 -22.13 -18.36 -20.99
N LEU C 89 -21.23 -19.33 -21.21
CA LEU C 89 -21.50 -20.79 -21.03
C LEU C 89 -21.75 -21.15 -19.56
N VAL C 90 -20.99 -20.56 -18.64
CA VAL C 90 -21.20 -20.78 -17.18
C VAL C 90 -22.57 -20.22 -16.77
N GLY C 91 -22.90 -19.02 -17.24
CA GLY C 91 -24.24 -18.42 -17.09
C GLY C 91 -25.32 -19.35 -17.61
N PHE C 92 -25.15 -19.87 -18.83
CA PHE C 92 -26.13 -20.82 -19.45
C PHE C 92 -26.27 -22.06 -18.54
N TYR C 93 -25.16 -22.65 -18.10
CA TYR C 93 -25.16 -23.77 -17.11
C TYR C 93 -26.12 -23.51 -15.96
N LEU C 94 -26.01 -22.36 -15.25
CA LEU C 94 -26.86 -22.08 -14.05
C LEU C 94 -28.35 -22.00 -14.43
N GLY C 95 -28.69 -21.46 -15.59
CA GLY C 95 -30.06 -21.45 -16.13
C GLY C 95 -30.54 -22.87 -16.42
N TRP C 96 -29.72 -23.65 -17.10
CA TRP C 96 -30.00 -25.07 -17.48
C TRP C 96 -30.29 -25.91 -16.22
N GLN C 97 -29.61 -25.67 -15.11
CA GLN C 97 -29.82 -26.44 -13.87
C GLN C 97 -31.17 -26.12 -13.22
N GLY C 98 -31.86 -25.08 -13.69
CA GLY C 98 -33.20 -24.72 -13.19
C GLY C 98 -33.19 -23.52 -12.26
N ASN C 99 -32.01 -22.93 -11.99
CA ASN C 99 -31.87 -21.77 -11.06
C ASN C 99 -32.62 -20.56 -11.61
N PRO C 100 -33.23 -19.74 -10.72
CA PRO C 100 -33.82 -18.48 -11.13
C PRO C 100 -32.77 -17.35 -11.15
N GLY C 101 -33.03 -16.30 -11.93
CA GLY C 101 -32.31 -15.01 -11.89
C GLY C 101 -31.60 -14.66 -13.20
N ARG C 102 -31.24 -13.38 -13.35
CA ARG C 102 -30.49 -12.82 -14.50
C ARG C 102 -28.98 -12.93 -14.24
N GLY C 103 -28.20 -13.21 -15.30
CA GLY C 103 -26.76 -13.52 -15.27
C GLY C 103 -25.90 -12.27 -15.20
N ARG C 104 -24.84 -12.31 -14.37
CA ARG C 104 -23.73 -11.31 -14.34
C ARG C 104 -22.42 -12.06 -14.14
N ALA C 105 -21.46 -11.83 -15.04
CA ALA C 105 -20.07 -12.28 -14.84
C ALA C 105 -19.53 -11.58 -13.58
N LEU C 106 -18.82 -12.31 -12.74
CA LEU C 106 -18.30 -11.78 -11.44
C LEU C 106 -16.79 -11.73 -11.50
N GLY C 107 -16.17 -12.43 -12.44
CA GLY C 107 -14.72 -12.29 -12.66
C GLY C 107 -14.05 -13.63 -12.91
N SER C 108 -12.76 -13.68 -12.62
CA SER C 108 -11.97 -14.89 -12.89
C SER C 108 -10.65 -14.84 -12.14
N GLY C 109 -10.08 -16.01 -11.85
CA GLY C 109 -8.64 -16.14 -11.52
C GLY C 109 -7.82 -15.93 -12.77
N GLU C 110 -6.67 -16.58 -12.88
CA GLU C 110 -5.73 -16.38 -13.99
C GLU C 110 -6.41 -16.57 -15.37
N VAL C 111 -6.20 -15.64 -16.31
CA VAL C 111 -6.51 -15.84 -17.75
C VAL C 111 -5.18 -15.87 -18.51
N LYS C 112 -5.01 -16.79 -19.47
CA LYS C 112 -3.82 -16.91 -20.36
C LYS C 112 -4.27 -17.03 -21.81
N PHE C 113 -3.70 -16.16 -22.64
CA PHE C 113 -3.83 -16.13 -24.11
C PHE C 113 -2.46 -16.52 -24.64
N PHE C 114 -2.31 -17.70 -25.25
CA PHE C 114 -1.01 -18.20 -25.77
C PHE C 114 -1.20 -18.65 -27.22
N GLY C 115 -2.17 -18.05 -27.91
CA GLY C 115 -2.47 -18.29 -29.33
C GLY C 115 -3.55 -17.34 -29.79
N GLN C 116 -3.99 -17.47 -31.05
CA GLN C 116 -4.96 -16.54 -31.67
C GLN C 116 -5.85 -17.24 -32.70
N VAL C 117 -6.91 -16.52 -33.06
CA VAL C 117 -7.94 -16.96 -34.04
C VAL C 117 -7.83 -15.98 -35.21
N LEU C 118 -7.44 -16.48 -36.38
CA LEU C 118 -7.32 -15.68 -37.62
C LEU C 118 -8.58 -15.86 -38.45
N PRO C 119 -8.87 -14.92 -39.38
CA PRO C 119 -10.04 -15.04 -40.24
C PRO C 119 -10.01 -16.24 -41.23
N THR C 120 -8.91 -17.00 -41.27
CA THR C 120 -8.75 -18.26 -42.06
C THR C 120 -9.04 -19.50 -41.22
N ALA C 121 -9.20 -19.38 -39.90
CA ALA C 121 -9.60 -20.53 -39.07
C ALA C 121 -11.04 -20.95 -39.44
N LYS C 122 -11.43 -22.14 -39.00
CA LYS C 122 -12.71 -22.78 -39.33
C LYS C 122 -13.59 -22.85 -38.09
N LYS C 123 -13.08 -23.30 -36.95
CA LYS C 123 -13.96 -23.57 -35.78
C LYS C 123 -13.22 -23.38 -34.45
N VAL C 124 -13.89 -22.71 -33.51
CA VAL C 124 -13.36 -22.54 -32.13
C VAL C 124 -14.14 -23.50 -31.28
N THR C 125 -13.47 -24.21 -30.37
CA THR C 125 -14.10 -25.12 -29.39
C THR C 125 -13.84 -24.59 -27.97
N TYR C 126 -14.92 -24.42 -27.20
CA TYR C 126 -14.87 -24.03 -25.77
C TYR C 126 -15.12 -25.28 -24.92
N ASN C 127 -14.27 -25.49 -23.91
CA ASN C 127 -14.36 -26.57 -22.92
C ASN C 127 -14.47 -25.95 -21.54
N ILE C 128 -15.58 -26.21 -20.85
CA ILE C 128 -15.90 -25.67 -19.50
C ILE C 128 -15.99 -26.83 -18.50
N HIS C 129 -15.27 -26.72 -17.39
CA HIS C 129 -15.24 -27.72 -16.30
C HIS C 129 -15.86 -27.05 -15.07
N ILE C 130 -17.08 -27.43 -14.71
CA ILE C 130 -17.76 -26.86 -13.51
C ILE C 130 -16.97 -27.35 -12.31
N LYS C 131 -16.65 -26.44 -11.38
CA LYS C 131 -15.82 -26.77 -10.17
C LYS C 131 -16.71 -26.85 -8.93
N ARG C 132 -17.64 -25.92 -8.78
CA ARG C 132 -18.58 -25.88 -7.61
C ARG C 132 -19.72 -24.92 -7.97
N THR C 133 -20.93 -25.16 -7.45
CA THR C 133 -22.09 -24.24 -7.51
C THR C 133 -22.60 -24.05 -6.08
N ILE C 134 -23.24 -22.92 -5.78
CA ILE C 134 -23.61 -22.46 -4.39
C ILE C 134 -25.03 -21.88 -4.38
N ASN C 135 -25.93 -22.47 -3.57
CA ASN C 135 -27.38 -22.13 -3.46
C ASN C 135 -27.70 -21.45 -2.13
N ARG C 136 -26.74 -20.74 -1.52
CA ARG C 136 -27.00 -19.92 -0.31
C ARG C 136 -27.65 -18.61 -0.78
N SER C 137 -27.69 -17.58 0.06
CA SER C 137 -28.24 -16.22 -0.22
C SER C 137 -27.99 -15.76 -1.67
N LEU C 138 -26.95 -16.26 -2.36
CA LEU C 138 -26.61 -15.88 -3.76
C LEU C 138 -26.27 -17.15 -4.60
N VAL C 139 -26.94 -17.34 -5.74
CA VAL C 139 -26.74 -18.46 -6.73
C VAL C 139 -25.48 -18.18 -7.55
N LEU C 140 -24.45 -19.01 -7.47
CA LEU C 140 -23.28 -18.76 -8.35
C LEU C 140 -22.52 -20.05 -8.67
N ALA C 141 -21.72 -20.00 -9.73
CA ALA C 141 -20.93 -21.12 -10.25
C ALA C 141 -19.48 -20.67 -10.41
N ILE C 142 -18.56 -21.61 -10.20
CA ILE C 142 -17.10 -21.41 -10.41
C ILE C 142 -16.68 -22.51 -11.38
N ALA C 143 -15.82 -22.18 -12.34
CA ALA C 143 -15.40 -23.14 -13.37
C ALA C 143 -14.03 -22.77 -13.91
N ASP C 144 -13.37 -23.74 -14.52
CA ASP C 144 -12.18 -23.52 -15.37
C ASP C 144 -12.58 -23.76 -16.82
N GLY C 145 -11.82 -23.17 -17.73
CA GLY C 145 -12.17 -23.14 -19.15
C GLY C 145 -10.95 -23.19 -20.02
N THR C 146 -11.07 -23.82 -21.19
CA THR C 146 -10.07 -23.68 -22.28
C THR C 146 -10.78 -23.35 -23.59
N VAL C 147 -10.05 -22.72 -24.49
CA VAL C 147 -10.47 -22.34 -25.84
C VAL C 147 -9.40 -22.91 -26.77
N SER C 148 -9.86 -23.61 -27.80
CA SER C 148 -9.04 -24.19 -28.88
C SER C 148 -9.56 -23.72 -30.23
N VAL C 149 -8.68 -23.71 -31.23
CA VAL C 149 -9.07 -23.41 -32.63
C VAL C 149 -8.43 -24.47 -33.55
N ASP C 150 -9.25 -25.20 -34.33
CA ASP C 150 -8.78 -26.13 -35.39
C ASP C 150 -7.80 -27.14 -34.77
N GLY C 151 -8.10 -27.64 -33.56
CA GLY C 151 -7.32 -28.67 -32.84
C GLY C 151 -6.19 -28.14 -31.95
N ARG C 152 -5.97 -26.82 -31.86
CA ARG C 152 -4.89 -26.24 -31.02
C ARG C 152 -5.46 -25.41 -29.85
N GLU C 153 -5.08 -25.73 -28.61
CA GLU C 153 -5.42 -24.94 -27.40
C GLU C 153 -4.75 -23.55 -27.48
N ILE C 154 -5.48 -22.46 -27.23
CA ILE C 154 -4.92 -21.09 -27.36
C ILE C 154 -5.17 -20.28 -26.08
N TYR C 155 -6.28 -20.49 -25.38
CA TYR C 155 -6.61 -19.75 -24.13
C TYR C 155 -6.95 -20.71 -22.99
N SER C 156 -6.72 -20.26 -21.75
CA SER C 156 -7.19 -20.89 -20.50
C SER C 156 -7.66 -19.81 -19.51
N ALA C 157 -8.62 -20.16 -18.69
CA ALA C 157 -9.04 -19.36 -17.51
C ALA C 157 -9.28 -20.31 -16.33
N GLU C 158 -8.87 -19.88 -15.13
CA GLU C 158 -9.07 -20.59 -13.84
C GLU C 158 -10.04 -19.77 -13.01
N GLY C 159 -11.03 -20.40 -12.39
CA GLY C 159 -11.92 -19.74 -11.42
C GLY C 159 -12.82 -18.70 -12.06
N LEU C 160 -13.27 -18.92 -13.30
CA LEU C 160 -14.45 -18.21 -13.86
C LEU C 160 -15.56 -18.21 -12.81
N ARG C 161 -16.18 -17.07 -12.61
CA ARG C 161 -17.27 -16.88 -11.63
C ARG C 161 -18.43 -16.16 -12.32
N VAL C 162 -19.61 -16.70 -12.12
CA VAL C 162 -20.88 -16.10 -12.63
C VAL C 162 -21.95 -16.26 -11.55
N GLY C 163 -22.78 -15.24 -11.38
CA GLY C 163 -23.92 -15.25 -10.46
C GLY C 163 -25.21 -14.98 -11.18
N LEU C 164 -26.31 -15.49 -10.64
CA LEU C 164 -27.70 -15.16 -11.05
C LEU C 164 -28.28 -14.29 -9.94
N PHE C 165 -29.08 -13.29 -10.32
CA PHE C 165 -29.60 -12.22 -9.45
C PHE C 165 -31.09 -12.09 -9.73
N THR C 166 -31.92 -12.21 -8.69
CA THR C 166 -33.41 -12.01 -8.76
C THR C 166 -33.69 -10.50 -8.76
N SER C 167 -32.67 -9.72 -8.45
CA SER C 167 -32.64 -8.23 -8.43
C SER C 167 -31.18 -7.77 -8.67
N THR C 168 -30.86 -7.19 -9.84
CA THR C 168 -29.57 -6.48 -10.11
C THR C 168 -29.74 -4.96 -9.89
N ASP C 169 -30.66 -4.56 -8.99
CA ASP C 169 -30.84 -3.16 -8.51
C ASP C 169 -29.66 -2.81 -7.58
N SER C 170 -29.28 -3.76 -6.72
CA SER C 170 -28.19 -3.66 -5.71
C SER C 170 -26.82 -3.53 -6.41
N PHE C 171 -26.58 -4.40 -7.41
CA PHE C 171 -25.34 -4.47 -8.23
C PHE C 171 -25.13 -3.12 -8.94
N THR D 2 6.55 10.12 -26.39
CA THR D 2 6.66 10.43 -24.95
C THR D 2 6.51 11.95 -24.74
N LYS D 3 5.92 12.68 -25.72
CA LYS D 3 5.67 14.15 -25.68
C LYS D 3 4.19 14.42 -25.38
N GLN D 4 3.25 14.02 -26.24
CA GLN D 4 1.80 14.26 -26.04
C GLN D 4 1.29 13.41 -24.85
N HIS D 5 0.61 14.02 -23.88
CA HIS D 5 0.17 13.40 -22.59
C HIS D 5 -1.36 13.23 -22.56
N ALA D 6 -2.06 13.57 -23.65
CA ALA D 6 -3.54 13.48 -23.75
C ALA D 6 -3.93 13.26 -25.22
N PHE D 7 -4.99 12.48 -25.46
CA PHE D 7 -5.43 12.07 -26.82
C PHE D 7 -6.97 12.17 -26.91
N THR D 8 -7.44 12.84 -27.94
CA THR D 8 -8.87 13.00 -28.27
C THR D 8 -9.30 11.72 -28.99
N ARG D 9 -10.60 11.54 -29.17
CA ARG D 9 -11.16 10.39 -29.90
C ARG D 9 -10.60 10.35 -31.33
N GLU D 10 -10.50 11.50 -32.00
CA GLU D 10 -9.94 11.57 -33.38
C GLU D 10 -8.48 11.10 -33.35
N ASP D 11 -7.73 11.37 -32.29
CA ASP D 11 -6.35 10.82 -32.17
C ASP D 11 -6.39 9.30 -32.02
N LEU D 12 -7.30 8.76 -31.19
CA LEU D 12 -7.43 7.30 -30.97
C LEU D 12 -7.84 6.65 -32.29
N LEU D 13 -8.70 7.30 -33.06
CA LEU D 13 -9.12 6.75 -34.39
C LEU D 13 -7.89 6.77 -35.30
N ARG D 14 -7.05 7.80 -35.25
CA ARG D 14 -5.82 7.81 -36.09
C ARG D 14 -4.94 6.64 -35.62
N CYS D 15 -4.86 6.37 -34.30
CA CYS D 15 -4.14 5.20 -33.77
C CYS D 15 -4.68 3.92 -34.41
N SER D 16 -6.00 3.77 -34.48
CA SER D 16 -6.63 2.53 -35.01
C SER D 16 -6.24 2.30 -36.49
N ARG D 17 -6.02 3.37 -37.24
CA ARG D 17 -5.61 3.32 -38.68
C ARG D 17 -4.13 2.95 -38.80
N GLY D 18 -3.38 2.93 -37.70
CA GLY D 18 -1.93 2.66 -37.75
C GLY D 18 -1.15 3.94 -37.99
N GLU D 19 -1.80 5.10 -37.92
CA GLU D 19 -1.24 6.41 -38.33
C GLU D 19 -0.76 7.24 -37.14
N LEU D 20 -0.89 6.75 -35.89
CA LEU D 20 -0.40 7.49 -34.70
C LEU D 20 1.04 7.07 -34.41
N PHE D 21 1.29 5.76 -34.34
CA PHE D 21 2.63 5.20 -34.00
C PHE D 21 3.36 4.71 -35.27
N GLY D 22 2.69 4.67 -36.43
CA GLY D 22 3.30 4.31 -37.74
C GLY D 22 3.22 2.81 -38.04
N PRO D 23 3.69 2.36 -39.23
CA PRO D 23 3.51 0.97 -39.66
C PRO D 23 4.24 -0.08 -38.81
N GLY D 24 3.58 -1.21 -38.59
CA GLY D 24 4.07 -2.36 -37.80
C GLY D 24 4.01 -2.06 -36.32
N ASN D 25 3.51 -0.89 -35.91
CA ASN D 25 3.46 -0.47 -34.49
C ASN D 25 2.03 -0.58 -33.94
N ALA D 26 1.85 -0.30 -32.64
CA ALA D 26 0.62 -0.58 -31.87
C ALA D 26 -0.57 0.14 -32.51
N GLN D 27 -1.69 -0.57 -32.58
CA GLN D 27 -3.00 -0.05 -33.02
C GLN D 27 -4.05 -0.35 -31.93
N LEU D 28 -4.88 0.65 -31.63
CA LEU D 28 -6.16 0.42 -30.93
C LEU D 28 -7.09 -0.27 -31.92
N PRO D 29 -8.18 -0.90 -31.44
CA PRO D 29 -9.23 -1.36 -32.34
C PRO D 29 -9.99 -0.13 -32.85
N ALA D 30 -10.60 -0.23 -34.03
CA ALA D 30 -11.63 0.74 -34.48
C ALA D 30 -12.96 0.41 -33.79
N PRO D 31 -13.98 1.30 -33.84
CA PRO D 31 -15.37 0.90 -33.58
C PRO D 31 -15.75 -0.31 -34.45
N ASN D 32 -16.47 -1.30 -33.91
CA ASN D 32 -17.19 -1.26 -32.65
C ASN D 32 -16.45 -1.94 -31.47
N MET D 33 -15.16 -2.27 -31.61
CA MET D 33 -14.34 -2.87 -30.52
C MET D 33 -13.58 -1.79 -29.71
N LEU D 34 -13.39 -0.59 -30.23
CA LEU D 34 -12.77 0.51 -29.44
C LEU D 34 -13.65 0.83 -28.23
N MET D 35 -13.09 0.81 -27.01
CA MET D 35 -13.88 1.00 -25.76
C MET D 35 -13.37 2.23 -25.01
N ILE D 36 -12.68 3.13 -25.73
CA ILE D 36 -12.10 4.40 -25.21
C ILE D 36 -12.48 5.55 -26.15
N ASP D 37 -13.01 6.64 -25.60
CA ASP D 37 -13.25 7.94 -26.28
C ASP D 37 -12.04 8.85 -26.18
N ARG D 38 -11.32 8.90 -25.03
CA ARG D 38 -10.15 9.80 -24.85
C ARG D 38 -9.21 9.26 -23.76
N ILE D 39 -7.93 9.55 -23.91
CA ILE D 39 -6.88 9.41 -22.86
C ILE D 39 -6.65 10.81 -22.31
N VAL D 40 -7.14 11.03 -21.08
CA VAL D 40 -7.04 12.30 -20.30
C VAL D 40 -5.58 12.49 -19.86
N HIS D 41 -4.88 11.42 -19.53
CA HIS D 41 -3.49 11.50 -18.98
C HIS D 41 -2.73 10.22 -19.27
N ILE D 42 -1.50 10.35 -19.74
CA ILE D 42 -0.55 9.20 -19.85
C ILE D 42 0.83 9.72 -19.50
N SER D 43 1.57 8.97 -18.71
CA SER D 43 2.96 9.28 -18.28
C SER D 43 3.69 7.95 -18.11
N ASP D 44 5.02 7.93 -18.23
CA ASP D 44 5.83 6.71 -17.95
C ASP D 44 6.60 6.87 -16.65
N VAL D 45 6.36 7.93 -15.87
CA VAL D 45 6.95 8.11 -14.51
C VAL D 45 5.85 8.38 -13.48
N GLY D 46 6.21 8.25 -12.20
CA GLY D 46 5.24 8.33 -11.10
C GLY D 46 4.21 7.23 -11.23
N GLY D 47 2.99 7.51 -10.80
CA GLY D 47 1.95 6.47 -10.68
C GLY D 47 2.17 5.62 -9.44
N LYS D 48 1.33 4.63 -9.26
CA LYS D 48 1.26 3.80 -8.04
C LYS D 48 2.59 3.06 -7.84
N TYR D 49 3.34 2.75 -8.90
CA TYR D 49 4.57 1.92 -8.85
C TYR D 49 5.80 2.65 -9.40
N GLY D 50 5.70 3.94 -9.72
CA GLY D 50 6.81 4.73 -10.30
C GLY D 50 7.03 4.47 -11.78
N LYS D 51 6.12 3.77 -12.48
CA LYS D 51 6.34 3.37 -13.90
C LYS D 51 5.23 4.00 -14.74
N GLY D 52 4.58 5.04 -14.20
CA GLY D 52 3.55 5.81 -14.89
C GLY D 52 2.13 5.24 -14.78
N GLU D 53 1.22 5.84 -15.55
CA GLU D 53 -0.24 5.65 -15.38
C GLU D 53 -0.95 6.16 -16.65
N LEU D 54 -2.13 5.60 -16.88
CA LEU D 54 -3.08 6.11 -17.89
C LEU D 54 -4.40 6.37 -17.18
N VAL D 55 -5.03 7.46 -17.58
CA VAL D 55 -6.44 7.78 -17.20
C VAL D 55 -7.17 8.01 -18.51
N ALA D 56 -8.27 7.31 -18.71
CA ALA D 56 -9.00 7.26 -20.00
C ALA D 56 -10.49 7.25 -19.69
N GLU D 57 -11.32 7.64 -20.67
CA GLU D 57 -12.76 7.83 -20.45
C GLU D 57 -13.53 7.22 -21.63
N LEU D 58 -14.70 6.65 -21.33
CA LEU D 58 -15.72 6.25 -22.33
C LEU D 58 -17.04 6.91 -21.92
N ASP D 59 -17.59 7.74 -22.82
CA ASP D 59 -18.91 8.39 -22.61
C ASP D 59 -19.98 7.31 -22.79
N ILE D 60 -20.99 7.31 -21.92
CA ILE D 60 -22.09 6.30 -21.98
C ILE D 60 -23.36 7.03 -22.39
N ASN D 61 -24.11 6.44 -23.34
CA ASN D 61 -25.50 6.84 -23.68
C ASN D 61 -26.25 5.57 -23.99
N PRO D 62 -27.60 5.60 -23.97
CA PRO D 62 -28.41 4.39 -24.13
C PRO D 62 -28.32 3.71 -25.52
N ASP D 63 -27.72 4.38 -26.49
CA ASP D 63 -27.69 3.93 -27.91
C ASP D 63 -26.41 3.15 -28.21
N LEU D 64 -25.48 2.99 -27.28
CA LEU D 64 -24.22 2.26 -27.60
C LEU D 64 -24.62 0.83 -27.98
N TRP D 65 -23.96 0.25 -28.99
CA TRP D 65 -24.43 -0.97 -29.70
C TRP D 65 -24.68 -2.13 -28.74
N PHE D 66 -23.82 -2.27 -27.73
CA PHE D 66 -23.80 -3.49 -26.89
C PHE D 66 -25.00 -3.53 -25.93
N PHE D 67 -25.68 -2.40 -25.67
CA PHE D 67 -26.80 -2.36 -24.70
C PHE D 67 -28.00 -3.12 -25.30
N ALA D 68 -28.20 -3.03 -26.61
CA ALA D 68 -29.33 -3.63 -27.35
C ALA D 68 -29.26 -5.16 -27.31
N CYS D 69 -28.06 -5.75 -27.46
CA CYS D 69 -27.88 -7.24 -27.52
C CYS D 69 -27.42 -7.82 -26.18
N HIS D 70 -27.13 -7.02 -25.17
CA HIS D 70 -26.51 -7.53 -23.92
C HIS D 70 -27.10 -6.81 -22.70
N PHE D 71 -28.28 -7.23 -22.22
CA PHE D 71 -29.16 -8.26 -22.76
C PHE D 71 -30.50 -7.63 -23.16
N GLU D 72 -31.25 -8.24 -24.08
CA GLU D 72 -32.62 -7.78 -24.44
C GLU D 72 -33.46 -7.61 -23.18
N GLY D 73 -33.98 -6.40 -22.97
CA GLY D 73 -34.78 -5.98 -21.79
C GLY D 73 -33.97 -5.95 -20.49
N ASP D 74 -32.64 -6.00 -20.57
CA ASP D 74 -31.72 -5.95 -19.40
C ASP D 74 -30.35 -5.43 -19.83
N PRO D 75 -30.27 -4.17 -20.34
CA PRO D 75 -29.05 -3.62 -20.94
C PRO D 75 -27.97 -3.39 -19.86
N VAL D 76 -26.77 -3.89 -20.11
CA VAL D 76 -25.60 -3.71 -19.20
C VAL D 76 -24.33 -3.83 -20.04
N MET D 77 -23.37 -2.92 -19.86
CA MET D 77 -22.10 -3.03 -20.63
C MET D 77 -21.48 -4.38 -20.28
N PRO D 78 -21.05 -5.19 -21.29
CA PRO D 78 -20.30 -6.41 -21.03
C PRO D 78 -19.01 -6.15 -20.22
N GLY D 79 -18.83 -6.85 -19.10
CA GLY D 79 -17.58 -6.80 -18.29
C GLY D 79 -16.37 -7.03 -19.19
N CYS D 80 -16.47 -7.96 -20.12
CA CYS D 80 -15.36 -8.37 -21.01
C CYS D 80 -14.86 -7.16 -21.80
N LEU D 81 -15.71 -6.16 -22.08
CA LEU D 81 -15.31 -4.96 -22.88
C LEU D 81 -14.64 -3.91 -21.97
N GLY D 82 -15.05 -3.75 -20.72
CA GLY D 82 -14.31 -2.91 -19.74
C GLY D 82 -12.91 -3.48 -19.50
N LEU D 83 -12.81 -4.80 -19.30
CA LEU D 83 -11.53 -5.52 -19.23
C LEU D 83 -10.73 -5.25 -20.51
N ASP D 84 -11.36 -5.42 -21.68
CA ASP D 84 -10.62 -5.20 -22.95
C ASP D 84 -10.04 -3.77 -23.01
N ALA D 85 -10.80 -2.74 -22.62
CA ALA D 85 -10.29 -1.35 -22.60
C ALA D 85 -8.98 -1.30 -21.83
N MET D 86 -8.87 -2.02 -20.71
CA MET D 86 -7.63 -1.99 -19.88
C MET D 86 -6.47 -2.61 -20.66
N TRP D 87 -6.67 -3.75 -21.33
CA TRP D 87 -5.63 -4.34 -22.21
C TRP D 87 -5.32 -3.38 -23.36
N GLN D 88 -6.34 -2.71 -23.94
CA GLN D 88 -6.13 -1.74 -25.06
C GLN D 88 -5.17 -0.63 -24.57
N LEU D 89 -5.39 -0.12 -23.36
CA LEU D 89 -4.57 0.99 -22.78
C LEU D 89 -3.14 0.54 -22.49
N VAL D 90 -2.94 -0.69 -22.04
CA VAL D 90 -1.55 -1.17 -21.76
C VAL D 90 -0.81 -1.29 -23.10
N GLY D 91 -1.48 -1.78 -24.15
CA GLY D 91 -0.90 -1.84 -25.51
C GLY D 91 -0.51 -0.45 -25.99
N PHE D 92 -1.44 0.50 -25.86
CA PHE D 92 -1.23 1.91 -26.27
C PHE D 92 0.02 2.47 -25.57
N TYR D 93 0.16 2.22 -24.26
CA TYR D 93 1.33 2.66 -23.45
C TYR D 93 2.65 2.13 -24.03
N LEU D 94 2.71 0.85 -24.43
CA LEU D 94 3.94 0.23 -24.99
C LEU D 94 4.31 0.94 -26.30
N GLY D 95 3.33 1.29 -27.11
CA GLY D 95 3.57 1.99 -28.39
C GLY D 95 3.96 3.42 -28.14
N TRP D 96 3.34 4.06 -27.14
CA TRP D 96 3.58 5.48 -26.81
C TRP D 96 5.04 5.64 -26.31
N GLN D 97 5.58 4.62 -25.64
CA GLN D 97 7.00 4.59 -25.17
C GLN D 97 7.95 4.51 -26.39
N GLY D 98 7.51 3.98 -27.52
CA GLY D 98 8.29 3.95 -28.77
C GLY D 98 8.79 2.57 -29.11
N ASN D 99 8.25 1.53 -28.46
CA ASN D 99 8.58 0.14 -28.83
C ASN D 99 7.92 -0.17 -30.17
N PRO D 100 8.59 -1.04 -30.97
CA PRO D 100 8.00 -1.55 -32.21
C PRO D 100 7.11 -2.78 -31.98
N GLY D 101 6.24 -3.06 -32.96
CA GLY D 101 5.44 -4.29 -32.97
C GLY D 101 3.96 -4.04 -32.74
N ARG D 102 3.16 -5.07 -32.99
CA ARG D 102 1.68 -5.10 -32.87
C ARG D 102 1.35 -5.69 -31.50
N GLY D 103 0.34 -5.14 -30.81
CA GLY D 103 -0.09 -5.56 -29.46
C GLY D 103 -0.90 -6.85 -29.53
N ARG D 104 -0.66 -7.75 -28.56
CA ARG D 104 -1.57 -8.88 -28.22
C ARG D 104 -1.73 -8.90 -26.71
N ALA D 105 -2.97 -9.08 -26.20
CA ALA D 105 -3.24 -9.36 -24.78
C ALA D 105 -2.69 -10.77 -24.46
N LEU D 106 -2.05 -10.95 -23.28
CA LEU D 106 -1.43 -12.24 -22.89
C LEU D 106 -2.16 -12.83 -21.71
N GLY D 107 -2.96 -12.02 -21.03
CA GLY D 107 -3.82 -12.50 -19.94
C GLY D 107 -3.87 -11.55 -18.78
N SER D 108 -4.29 -12.06 -17.64
CA SER D 108 -4.40 -11.29 -16.38
C SER D 108 -4.31 -12.27 -15.21
N GLY D 109 -3.87 -11.76 -14.06
CA GLY D 109 -4.20 -12.36 -12.76
C GLY D 109 -5.68 -12.18 -12.51
N GLU D 110 -6.01 -11.85 -11.27
CA GLU D 110 -7.39 -11.85 -10.79
C GLU D 110 -8.17 -10.68 -11.41
N VAL D 111 -9.36 -10.98 -11.93
CA VAL D 111 -10.34 -9.95 -12.36
C VAL D 111 -11.56 -10.05 -11.45
N LYS D 112 -12.09 -8.92 -10.99
CA LYS D 112 -13.34 -8.87 -10.20
C LYS D 112 -14.28 -7.85 -10.82
N PHE D 113 -15.53 -8.24 -11.03
CA PHE D 113 -16.64 -7.35 -11.43
C PHE D 113 -17.57 -7.26 -10.22
N PHE D 114 -17.78 -6.07 -9.67
CA PHE D 114 -18.57 -5.88 -8.43
C PHE D 114 -19.44 -4.64 -8.58
N GLY D 115 -19.80 -4.33 -9.81
CA GLY D 115 -20.79 -3.31 -10.16
C GLY D 115 -21.01 -3.32 -11.66
N GLN D 116 -21.84 -2.42 -12.19
CA GLN D 116 -22.23 -2.54 -13.61
C GLN D 116 -22.41 -1.16 -14.20
N VAL D 117 -22.27 -1.07 -15.51
CA VAL D 117 -22.55 0.15 -16.31
C VAL D 117 -23.92 -0.01 -16.98
N LEU D 118 -24.88 0.82 -16.54
CA LEU D 118 -26.23 0.89 -17.13
C LEU D 118 -26.28 1.98 -18.19
N PRO D 119 -27.24 1.92 -19.14
CA PRO D 119 -27.38 2.91 -20.20
C PRO D 119 -27.76 4.29 -19.64
N THR D 120 -28.10 4.35 -18.35
CA THR D 120 -28.42 5.62 -17.65
C THR D 120 -27.14 6.27 -17.13
N ALA D 121 -25.98 5.59 -17.16
CA ALA D 121 -24.70 6.16 -16.69
C ALA D 121 -24.24 7.26 -17.65
N LYS D 122 -23.34 8.15 -17.19
CA LYS D 122 -22.75 9.21 -18.04
C LYS D 122 -21.35 8.83 -18.52
N LYS D 123 -20.48 8.30 -17.66
CA LYS D 123 -19.05 8.17 -18.05
C LYS D 123 -18.31 7.08 -17.25
N VAL D 124 -17.59 6.23 -17.99
CA VAL D 124 -16.70 5.15 -17.49
C VAL D 124 -15.28 5.72 -17.54
N THR D 125 -14.54 5.64 -16.45
CA THR D 125 -13.10 6.04 -16.40
C THR D 125 -12.26 4.80 -16.10
N TYR D 126 -11.15 4.66 -16.81
CA TYR D 126 -10.14 3.60 -16.61
C TYR D 126 -8.91 4.23 -15.95
N ASN D 127 -8.42 3.61 -14.88
CA ASN D 127 -7.15 4.00 -14.24
C ASN D 127 -6.22 2.80 -14.39
N ILE D 128 -5.11 2.95 -15.09
CA ILE D 128 -4.10 1.87 -15.32
C ILE D 128 -2.80 2.29 -14.61
N HIS D 129 -2.29 1.43 -13.72
CA HIS D 129 -0.99 1.56 -13.01
C HIS D 129 -0.01 0.54 -13.56
N ILE D 130 0.96 1.03 -14.35
CA ILE D 130 2.06 0.20 -14.89
C ILE D 130 2.92 -0.25 -13.71
N LYS D 131 3.06 -1.57 -13.59
CA LYS D 131 3.84 -2.24 -12.53
C LYS D 131 5.26 -2.50 -13.06
N ARG D 132 5.41 -3.03 -14.27
CA ARG D 132 6.74 -3.41 -14.82
C ARG D 132 6.62 -3.51 -16.35
N THR D 133 7.66 -3.04 -17.05
CA THR D 133 7.92 -3.32 -18.48
C THR D 133 9.15 -4.24 -18.54
N ILE D 134 9.07 -5.30 -19.35
CA ILE D 134 10.21 -6.18 -19.74
C ILE D 134 10.61 -5.81 -21.17
N ASN D 135 11.80 -5.25 -21.38
CA ASN D 135 12.31 -4.87 -22.73
C ASN D 135 13.33 -5.91 -23.22
N ARG D 136 13.39 -7.08 -22.56
CA ARG D 136 14.37 -8.18 -22.80
C ARG D 136 14.49 -8.44 -24.31
N SER D 137 14.18 -9.67 -24.74
CA SER D 137 13.85 -10.03 -26.14
C SER D 137 12.37 -9.68 -26.39
N LEU D 138 11.49 -10.29 -25.60
CA LEU D 138 10.01 -10.18 -25.68
C LEU D 138 9.62 -8.88 -24.96
N VAL D 139 9.06 -7.87 -25.66
CA VAL D 139 8.66 -6.56 -25.06
C VAL D 139 7.22 -6.68 -24.51
N LEU D 140 7.04 -6.51 -23.21
CA LEU D 140 5.70 -6.61 -22.57
C LEU D 140 5.61 -5.71 -21.32
N ALA D 141 4.37 -5.45 -20.90
CA ALA D 141 4.06 -4.64 -19.71
C ALA D 141 3.08 -5.45 -18.87
N ILE D 142 3.25 -5.29 -17.57
CA ILE D 142 2.32 -5.81 -16.53
C ILE D 142 1.75 -4.57 -15.81
N ALA D 143 0.45 -4.58 -15.56
CA ALA D 143 -0.26 -3.44 -14.97
C ALA D 143 -1.41 -3.90 -14.08
N ASP D 144 -1.81 -3.05 -13.16
CA ASP D 144 -3.11 -3.20 -12.44
C ASP D 144 -4.04 -2.12 -13.01
N GLY D 145 -5.34 -2.36 -13.02
CA GLY D 145 -6.32 -1.37 -13.49
C GLY D 145 -7.62 -1.43 -12.73
N THR D 146 -8.33 -0.29 -12.69
CA THR D 146 -9.72 -0.20 -12.25
C THR D 146 -10.60 0.40 -13.35
N VAL D 147 -11.84 -0.05 -13.35
CA VAL D 147 -12.96 0.59 -14.08
C VAL D 147 -13.88 1.23 -13.06
N SER D 148 -14.25 2.48 -13.34
CA SER D 148 -15.18 3.27 -12.50
C SER D 148 -16.32 3.77 -13.39
N VAL D 149 -17.51 3.92 -12.80
CA VAL D 149 -18.66 4.55 -13.51
C VAL D 149 -19.17 5.69 -12.62
N ASP D 150 -19.11 6.91 -13.14
CA ASP D 150 -19.57 8.16 -12.49
C ASP D 150 -19.01 8.22 -11.05
N GLY D 151 -17.71 7.94 -10.87
CA GLY D 151 -16.98 8.09 -9.60
C GLY D 151 -16.84 6.78 -8.84
N ARG D 152 -17.63 5.76 -9.16
CA ARG D 152 -17.75 4.54 -8.33
C ARG D 152 -16.91 3.43 -8.95
N GLU D 153 -15.91 2.92 -8.23
CA GLU D 153 -15.11 1.76 -8.71
C GLU D 153 -16.01 0.52 -8.82
N ILE D 154 -15.95 -0.17 -9.96
CA ILE D 154 -16.85 -1.32 -10.27
C ILE D 154 -16.02 -2.55 -10.69
N TYR D 155 -14.86 -2.40 -11.35
CA TYR D 155 -14.03 -3.57 -11.73
C TYR D 155 -12.60 -3.30 -11.29
N SER D 156 -11.89 -4.40 -11.01
CA SER D 156 -10.45 -4.41 -10.71
C SER D 156 -9.84 -5.54 -11.50
N ALA D 157 -8.63 -5.31 -12.01
CA ALA D 157 -7.76 -6.30 -12.68
C ALA D 157 -6.36 -6.15 -12.07
N GLU D 158 -5.75 -7.25 -11.63
CA GLU D 158 -4.33 -7.33 -11.21
C GLU D 158 -3.57 -8.14 -12.25
N GLY D 159 -2.37 -7.72 -12.61
CA GLY D 159 -1.47 -8.49 -13.46
C GLY D 159 -1.97 -8.56 -14.91
N LEU D 160 -2.58 -7.48 -15.43
CA LEU D 160 -2.85 -7.31 -16.87
C LEU D 160 -1.51 -7.44 -17.60
N ARG D 161 -1.42 -8.31 -18.61
CA ARG D 161 -0.18 -8.54 -19.41
C ARG D 161 -0.49 -8.32 -20.88
N VAL D 162 0.31 -7.49 -21.55
CA VAL D 162 0.18 -7.18 -23.00
C VAL D 162 1.58 -7.19 -23.57
N GLY D 163 1.76 -7.76 -24.74
CA GLY D 163 3.06 -7.80 -25.43
C GLY D 163 2.96 -7.19 -26.82
N LEU D 164 4.10 -6.73 -27.34
CA LEU D 164 4.27 -6.35 -28.76
C LEU D 164 5.02 -7.45 -29.51
N PHE D 165 4.64 -7.65 -30.77
CA PHE D 165 5.11 -8.77 -31.63
C PHE D 165 5.55 -8.13 -32.95
N THR D 166 6.84 -8.25 -33.26
CA THR D 166 7.51 -7.70 -34.48
C THR D 166 6.95 -8.42 -35.72
N SER D 167 6.48 -9.66 -35.56
CA SER D 167 5.68 -10.41 -36.56
C SER D 167 4.75 -11.41 -35.85
N THR D 168 3.44 -11.38 -36.16
CA THR D 168 2.36 -12.11 -35.41
C THR D 168 2.03 -13.47 -36.06
N ASP D 169 2.81 -13.91 -37.05
CA ASP D 169 2.52 -15.06 -37.98
C ASP D 169 2.40 -16.38 -37.21
N SER D 170 3.26 -16.61 -36.20
CA SER D 170 3.47 -17.92 -35.53
C SER D 170 2.79 -17.98 -34.14
N PHE D 171 2.34 -16.85 -33.58
CA PHE D 171 1.71 -16.77 -32.23
C PHE D 171 0.42 -17.60 -32.24
N THR E 2 49.01 -1.97 22.57
CA THR E 2 49.34 -3.33 22.06
C THR E 2 50.59 -3.85 22.83
N LYS E 3 51.00 -3.16 23.91
CA LYS E 3 52.31 -3.37 24.60
C LYS E 3 52.19 -4.55 25.59
N GLN E 4 51.28 -4.46 26.57
CA GLN E 4 51.07 -5.45 27.65
C GLN E 4 49.93 -6.43 27.26
N HIS E 5 50.00 -7.71 27.61
CA HIS E 5 49.03 -8.74 27.13
C HIS E 5 48.19 -9.34 28.27
N ALA E 6 48.41 -8.91 29.49
CA ALA E 6 47.62 -9.29 30.67
C ALA E 6 47.66 -8.12 31.65
N PHE E 7 46.62 -7.98 32.49
CA PHE E 7 46.38 -6.80 33.36
C PHE E 7 45.83 -7.29 34.71
N THR E 8 46.40 -6.77 35.79
CA THR E 8 45.98 -7.07 37.20
C THR E 8 44.85 -6.12 37.55
N ARG E 9 44.14 -6.38 38.67
CA ARG E 9 43.10 -5.46 39.16
C ARG E 9 43.66 -4.05 39.32
N GLU E 10 44.87 -3.89 39.87
CA GLU E 10 45.46 -2.52 40.04
C GLU E 10 45.67 -1.87 38.66
N ASP E 11 46.05 -2.64 37.64
CA ASP E 11 46.16 -2.09 36.25
C ASP E 11 44.79 -1.55 35.84
N LEU E 12 43.72 -2.31 36.12
CA LEU E 12 42.35 -1.96 35.66
C LEU E 12 41.86 -0.76 36.49
N LEU E 13 42.18 -0.69 37.78
CA LEU E 13 41.81 0.52 38.58
C LEU E 13 42.53 1.76 38.00
N ARG E 14 43.82 1.66 37.69
CA ARG E 14 44.58 2.75 37.02
C ARG E 14 43.86 3.14 35.71
N CYS E 15 43.38 2.15 34.96
CA CYS E 15 42.63 2.40 33.72
C CYS E 15 41.37 3.23 34.03
N SER E 16 40.67 2.90 35.13
CA SER E 16 39.44 3.58 35.57
C SER E 16 39.71 5.04 35.98
N ARG E 17 40.94 5.40 36.32
CA ARG E 17 41.31 6.81 36.65
C ARG E 17 41.80 7.55 35.41
N GLY E 18 41.86 6.90 34.24
CA GLY E 18 42.33 7.52 32.99
C GLY E 18 43.85 7.45 32.83
N GLU E 19 44.53 6.68 33.69
CA GLU E 19 46.02 6.73 33.84
C GLU E 19 46.66 5.60 33.03
N LEU E 20 45.89 4.69 32.45
CA LEU E 20 46.50 3.64 31.60
C LEU E 20 46.56 4.13 30.16
N PHE E 21 45.45 4.63 29.59
CA PHE E 21 45.41 5.08 28.17
C PHE E 21 45.46 6.60 28.11
N GLY E 22 45.42 7.29 29.24
CA GLY E 22 45.55 8.76 29.26
C GLY E 22 44.17 9.42 29.27
N PRO E 23 44.04 10.65 29.82
CA PRO E 23 42.74 11.31 29.90
C PRO E 23 42.17 11.58 28.50
N GLY E 24 40.87 11.40 28.33
CA GLY E 24 40.21 11.59 27.02
C GLY E 24 40.20 10.33 26.20
N ASN E 25 40.84 9.25 26.67
CA ASN E 25 40.87 7.94 25.94
C ASN E 25 40.06 6.91 26.73
N ALA E 26 39.98 5.66 26.25
CA ALA E 26 39.00 4.68 26.77
C ALA E 26 39.28 4.48 28.26
N GLN E 27 38.24 4.43 29.06
CA GLN E 27 38.36 4.19 30.51
C GLN E 27 37.44 3.03 30.84
N LEU E 28 37.87 2.15 31.72
CA LEU E 28 36.94 1.24 32.42
C LEU E 28 36.19 2.04 33.47
N PRO E 29 34.98 1.60 33.87
CA PRO E 29 34.30 2.20 35.00
C PRO E 29 35.09 1.85 36.27
N ALA E 30 34.95 2.68 37.30
CA ALA E 30 35.41 2.37 38.68
C ALA E 30 34.38 1.50 39.37
N PRO E 31 34.72 0.88 40.54
CA PRO E 31 33.69 0.26 41.37
C PRO E 31 32.63 1.35 41.66
N ASN E 32 31.34 0.99 41.66
CA ASN E 32 30.81 -0.34 41.63
C ASN E 32 30.30 -0.77 40.24
N MET E 33 30.56 -0.05 39.14
CA MET E 33 30.16 -0.48 37.77
C MET E 33 31.25 -1.39 37.12
N LEU E 34 32.48 -1.41 37.65
CA LEU E 34 33.58 -2.26 37.16
C LEU E 34 33.19 -3.72 37.36
N MET E 35 33.15 -4.50 36.27
CA MET E 35 32.66 -5.90 36.30
C MET E 35 33.79 -6.87 35.89
N ILE E 36 35.03 -6.40 35.99
CA ILE E 36 36.26 -7.16 35.69
C ILE E 36 37.27 -6.95 36.80
N ASP E 37 37.92 -8.04 37.24
CA ASP E 37 39.08 -8.07 38.18
C ASP E 37 40.40 -8.19 37.41
N ARG E 38 40.50 -9.06 36.40
CA ARG E 38 41.76 -9.21 35.63
C ARG E 38 41.49 -9.52 34.14
N ILE E 39 42.35 -9.01 33.27
CA ILE E 39 42.45 -9.44 31.85
C ILE E 39 43.65 -10.38 31.79
N VAL E 40 43.35 -11.62 31.46
CA VAL E 40 44.26 -12.79 31.48
C VAL E 40 44.89 -12.91 30.08
N HIS E 41 44.23 -12.43 29.03
CA HIS E 41 44.78 -12.49 27.66
C HIS E 41 44.14 -11.41 26.79
N ILE E 42 44.96 -10.63 26.11
CA ILE E 42 44.46 -9.75 25.02
C ILE E 42 45.44 -9.85 23.87
N SER E 43 44.91 -9.88 22.66
CA SER E 43 45.72 -9.95 21.41
C SER E 43 44.98 -9.22 20.29
N ASP E 44 45.73 -8.68 19.32
CA ASP E 44 45.14 -8.07 18.10
C ASP E 44 45.15 -9.07 16.94
N VAL E 45 45.73 -10.25 17.12
CA VAL E 45 45.63 -11.38 16.14
C VAL E 45 44.83 -12.51 16.78
N GLY E 46 44.47 -13.52 16.00
CA GLY E 46 43.73 -14.68 16.53
C GLY E 46 42.32 -14.32 16.98
N GLY E 47 41.80 -15.04 17.98
CA GLY E 47 40.34 -15.14 18.21
C GLY E 47 39.64 -15.78 17.01
N LYS E 48 38.32 -15.86 17.11
CA LYS E 48 37.41 -16.60 16.23
C LYS E 48 37.41 -16.00 14.82
N TYR E 49 37.77 -14.72 14.66
CA TYR E 49 37.72 -14.02 13.35
C TYR E 49 39.10 -13.58 12.91
N GLY E 50 40.14 -13.87 13.70
CA GLY E 50 41.52 -13.46 13.38
C GLY E 50 41.79 -11.98 13.60
N LYS E 51 40.90 -11.23 14.28
CA LYS E 51 40.96 -9.76 14.44
C LYS E 51 41.13 -9.40 15.91
N GLY E 52 41.42 -10.39 16.75
CA GLY E 52 41.80 -10.17 18.15
C GLY E 52 40.85 -10.87 19.09
N GLU E 53 41.20 -10.86 20.37
CA GLU E 53 40.54 -11.71 21.39
C GLU E 53 40.88 -11.11 22.75
N LEU E 54 39.93 -11.10 23.67
CA LEU E 54 40.18 -10.81 25.11
C LEU E 54 39.60 -11.94 25.94
N VAL E 55 40.35 -12.36 26.94
CA VAL E 55 39.86 -13.26 28.00
C VAL E 55 40.02 -12.49 29.33
N ALA E 56 38.95 -12.39 30.11
CA ALA E 56 38.97 -11.64 31.39
C ALA E 56 38.19 -12.41 32.47
N GLU E 57 38.44 -12.06 33.73
CA GLU E 57 37.85 -12.78 34.87
C GLU E 57 37.28 -11.80 35.89
N LEU E 58 36.20 -12.24 36.55
CA LEU E 58 35.62 -11.56 37.71
C LEU E 58 35.47 -12.62 38.80
N ASP E 59 36.03 -12.33 39.97
CA ASP E 59 35.95 -13.23 41.16
C ASP E 59 34.58 -13.01 41.79
N ILE E 60 33.89 -14.10 42.13
CA ILE E 60 32.55 -14.05 42.78
C ILE E 60 32.70 -14.44 44.26
N ASN E 61 32.03 -13.70 45.13
CA ASN E 61 31.85 -14.03 46.56
C ASN E 61 30.49 -13.51 46.98
N PRO E 62 29.91 -13.99 48.10
CA PRO E 62 28.56 -13.59 48.49
C PRO E 62 28.39 -12.10 48.89
N ASP E 63 29.48 -11.37 49.07
CA ASP E 63 29.42 -9.97 49.56
C ASP E 63 29.38 -8.96 48.42
N LEU E 64 29.51 -9.37 47.15
CA LEU E 64 29.36 -8.42 46.01
C LEU E 64 28.00 -7.72 46.11
N TRP E 65 28.01 -6.40 45.90
CA TRP E 65 26.90 -5.47 46.23
C TRP E 65 25.59 -5.91 45.55
N PHE E 66 25.66 -6.43 44.32
CA PHE E 66 24.46 -6.66 43.48
C PHE E 66 23.65 -7.85 44.06
N PHE E 67 24.28 -8.78 44.78
CA PHE E 67 23.56 -9.94 45.38
C PHE E 67 22.55 -9.48 46.44
N ALA E 68 22.79 -8.39 47.16
CA ALA E 68 21.92 -7.93 48.27
C ALA E 68 20.65 -7.29 47.70
N CYS E 69 20.76 -6.59 46.57
CA CYS E 69 19.62 -5.80 46.06
C CYS E 69 18.95 -6.49 44.85
N HIS E 70 19.51 -7.59 44.33
CA HIS E 70 19.08 -8.19 43.03
C HIS E 70 19.10 -9.71 43.17
N PHE E 71 18.07 -10.33 43.77
CA PHE E 71 16.96 -9.73 44.50
C PHE E 71 16.97 -10.22 45.97
N GLU E 72 16.19 -9.56 46.83
CA GLU E 72 16.03 -9.94 48.27
C GLU E 72 15.45 -11.35 48.38
N GLY E 73 16.21 -12.28 48.99
CA GLY E 73 15.81 -13.69 49.16
C GLY E 73 15.99 -14.51 47.89
N ASP E 74 16.56 -13.88 46.85
CA ASP E 74 16.77 -14.50 45.51
C ASP E 74 17.99 -13.86 44.85
N PRO E 75 19.21 -14.04 45.41
CA PRO E 75 20.41 -13.37 44.90
C PRO E 75 20.84 -13.99 43.56
N VAL E 76 21.13 -13.12 42.60
CA VAL E 76 21.62 -13.47 41.23
C VAL E 76 22.26 -12.24 40.57
N MET E 77 23.44 -12.45 39.98
CA MET E 77 24.13 -11.37 39.24
C MET E 77 23.23 -10.90 38.11
N PRO E 78 22.95 -9.59 38.02
CA PRO E 78 22.16 -9.08 36.91
C PRO E 78 22.81 -9.44 35.58
N GLY E 79 22.07 -10.09 34.69
CA GLY E 79 22.55 -10.34 33.31
C GLY E 79 23.08 -9.08 32.64
N CYS E 80 22.46 -7.92 32.91
CA CYS E 80 22.88 -6.63 32.31
C CYS E 80 24.34 -6.30 32.65
N LEU E 81 24.84 -6.72 33.83
CA LEU E 81 26.20 -6.37 34.29
C LEU E 81 27.21 -7.28 33.61
N GLY E 82 26.88 -8.56 33.41
CA GLY E 82 27.71 -9.45 32.58
C GLY E 82 27.78 -8.96 31.14
N LEU E 83 26.65 -8.48 30.61
CA LEU E 83 26.60 -7.89 29.25
C LEU E 83 27.47 -6.62 29.26
N ASP E 84 27.35 -5.80 30.31
CA ASP E 84 28.18 -4.58 30.39
C ASP E 84 29.66 -4.93 30.44
N ALA E 85 30.07 -6.01 31.10
CA ALA E 85 31.49 -6.40 31.14
C ALA E 85 32.02 -6.55 29.70
N MET E 86 31.24 -7.16 28.82
CA MET E 86 31.64 -7.44 27.42
C MET E 86 31.72 -6.11 26.67
N TRP E 87 30.79 -5.15 26.88
CA TRP E 87 30.96 -3.79 26.30
C TRP E 87 32.25 -3.12 26.83
N GLN E 88 32.48 -3.20 28.15
CA GLN E 88 33.65 -2.59 28.84
C GLN E 88 34.93 -3.17 28.18
N LEU E 89 34.96 -4.47 27.92
CA LEU E 89 36.16 -5.10 27.33
C LEU E 89 36.37 -4.67 25.87
N VAL E 90 35.32 -4.51 25.07
CA VAL E 90 35.49 -4.04 23.65
C VAL E 90 36.02 -2.60 23.67
N GLY E 91 35.52 -1.77 24.59
CA GLY E 91 36.06 -0.42 24.80
C GLY E 91 37.54 -0.44 25.21
N PHE E 92 37.92 -1.33 26.12
CA PHE E 92 39.33 -1.49 26.56
C PHE E 92 40.18 -1.85 25.33
N TYR E 93 39.70 -2.77 24.51
CA TYR E 93 40.39 -3.21 23.25
C TYR E 93 40.68 -2.00 22.37
N LEU E 94 39.68 -1.17 22.11
CA LEU E 94 39.87 0.03 21.27
C LEU E 94 40.92 1.00 21.88
N GLY E 95 40.91 1.18 23.19
CA GLY E 95 41.91 2.00 23.90
C GLY E 95 43.28 1.38 23.76
N TRP E 96 43.34 0.06 23.95
CA TRP E 96 44.61 -0.72 23.91
C TRP E 96 45.27 -0.61 22.54
N GLN E 97 44.50 -0.49 21.46
CA GLN E 97 45.03 -0.37 20.09
C GLN E 97 45.64 1.02 19.86
N GLY E 98 45.44 1.98 20.77
CA GLY E 98 46.02 3.33 20.65
C GLY E 98 45.07 4.29 19.98
N ASN E 99 43.77 3.99 19.91
CA ASN E 99 42.78 4.96 19.42
C ASN E 99 42.43 5.99 20.51
N PRO E 100 42.21 7.26 20.10
CA PRO E 100 41.79 8.30 21.02
C PRO E 100 40.26 8.30 21.18
N GLY E 101 39.76 8.82 22.31
CA GLY E 101 38.33 9.10 22.51
C GLY E 101 37.70 8.34 23.66
N ARG E 102 36.60 8.87 24.18
CA ARG E 102 35.78 8.25 25.25
C ARG E 102 34.98 7.06 24.67
N GLY E 103 34.92 5.95 25.39
CA GLY E 103 34.09 4.78 25.04
C GLY E 103 32.60 5.01 25.26
N ARG E 104 31.78 4.60 24.29
CA ARG E 104 30.32 4.44 24.49
C ARG E 104 29.90 3.10 23.89
N ALA E 105 29.15 2.32 24.66
CA ALA E 105 28.35 1.20 24.13
C ALA E 105 27.38 1.73 23.07
N LEU E 106 27.29 1.10 21.89
CA LEU E 106 26.32 1.48 20.81
C LEU E 106 25.23 0.42 20.64
N GLY E 107 25.38 -0.74 21.28
CA GLY E 107 24.32 -1.76 21.32
C GLY E 107 24.82 -3.14 20.96
N SER E 108 23.92 -3.95 20.43
CA SER E 108 24.22 -5.36 20.17
C SER E 108 23.18 -5.98 19.25
N GLY E 109 23.60 -7.01 18.52
CA GLY E 109 22.68 -8.01 17.97
C GLY E 109 22.21 -8.93 19.11
N GLU E 110 21.99 -10.19 18.83
CA GLU E 110 21.21 -11.03 19.74
C GLU E 110 21.94 -11.20 21.07
N VAL E 111 21.20 -11.06 22.17
CA VAL E 111 21.71 -11.40 23.52
C VAL E 111 20.84 -12.54 24.05
N LYS E 112 21.49 -13.57 24.59
CA LYS E 112 20.84 -14.70 25.27
C LYS E 112 21.44 -14.92 26.66
N PHE E 113 20.56 -15.07 27.64
CA PHE E 113 20.88 -15.48 29.04
C PHE E 113 20.24 -16.85 29.23
N PHE E 114 21.07 -17.88 29.38
CA PHE E 114 20.60 -19.29 29.51
C PHE E 114 21.28 -19.93 30.73
N GLY E 115 21.72 -19.12 31.68
CA GLY E 115 22.19 -19.59 33.00
C GLY E 115 22.34 -18.39 33.93
N GLN E 116 22.76 -18.59 35.17
CA GLN E 116 22.85 -17.49 36.18
C GLN E 116 24.10 -17.67 37.07
N VAL E 117 24.52 -16.56 37.62
CA VAL E 117 25.64 -16.47 38.59
C VAL E 117 25.02 -16.37 39.98
N LEU E 118 25.15 -17.44 40.76
CA LEU E 118 24.67 -17.48 42.16
C LEU E 118 25.82 -17.13 43.11
N PRO E 119 25.55 -16.73 44.37
CA PRO E 119 26.62 -16.33 45.29
C PRO E 119 27.51 -17.48 45.74
N THR E 120 27.20 -18.72 45.36
CA THR E 120 28.08 -19.90 45.53
C THR E 120 29.17 -19.98 44.45
N ALA E 121 29.09 -19.20 43.38
CA ALA E 121 30.01 -19.37 42.22
C ALA E 121 31.38 -18.86 42.65
N LYS E 122 32.43 -19.33 41.98
CA LYS E 122 33.81 -18.88 42.28
C LYS E 122 34.27 -17.83 41.28
N LYS E 123 34.05 -18.04 39.99
CA LYS E 123 34.69 -17.17 38.96
C LYS E 123 33.86 -17.12 37.69
N VAL E 124 33.64 -15.91 37.21
CA VAL E 124 33.02 -15.61 35.89
C VAL E 124 34.14 -15.32 34.89
N THR E 125 34.04 -15.90 33.69
CA THR E 125 35.04 -15.69 32.62
C THR E 125 34.34 -15.12 31.38
N TYR E 126 34.95 -14.07 30.82
CA TYR E 126 34.52 -13.34 29.62
C TYR E 126 35.43 -13.72 28.45
N ASN E 127 34.81 -14.12 27.36
CA ASN E 127 35.55 -14.43 26.11
C ASN E 127 34.98 -13.49 25.05
N ILE E 128 35.82 -12.63 24.50
CA ILE E 128 35.47 -11.59 23.51
C ILE E 128 36.25 -11.87 22.23
N HIS E 129 35.53 -12.04 21.11
CA HIS E 129 36.12 -12.19 19.75
C HIS E 129 35.84 -10.94 18.91
N ILE E 130 36.88 -10.17 18.60
CA ILE E 130 36.73 -8.95 17.77
C ILE E 130 36.38 -9.44 16.36
N LYS E 131 35.30 -8.95 15.81
CA LYS E 131 34.82 -9.29 14.45
C LYS E 131 35.34 -8.29 13.43
N ARG E 132 35.33 -7.00 13.76
CA ARG E 132 35.67 -5.94 12.79
C ARG E 132 35.93 -4.65 13.56
N THR E 133 36.93 -3.86 13.16
CA THR E 133 37.08 -2.45 13.61
C THR E 133 36.83 -1.56 12.39
N ILE E 134 36.06 -0.48 12.56
CA ILE E 134 35.64 0.43 11.46
C ILE E 134 36.17 1.82 11.81
N ASN E 135 36.91 2.43 10.90
CA ASN E 135 37.64 3.70 11.12
C ASN E 135 37.08 4.71 10.13
N ARG E 136 35.79 5.05 10.25
CA ARG E 136 35.12 6.08 9.41
C ARG E 136 35.12 7.41 10.19
N SER E 137 33.97 8.10 10.33
CA SER E 137 33.87 9.40 11.05
C SER E 137 33.99 9.13 12.56
N LEU E 138 33.61 7.92 13.00
CA LEU E 138 33.82 7.39 14.36
C LEU E 138 34.64 6.10 14.27
N VAL E 139 35.58 5.90 15.18
CA VAL E 139 36.22 4.58 15.36
C VAL E 139 35.21 3.69 16.11
N LEU E 140 34.96 2.49 15.60
CA LEU E 140 33.95 1.56 16.15
C LEU E 140 34.50 0.13 16.07
N ALA E 141 34.17 -0.72 17.04
CA ALA E 141 34.49 -2.16 17.05
C ALA E 141 33.19 -2.96 17.20
N ILE E 142 33.13 -4.09 16.50
CA ILE E 142 32.04 -5.11 16.52
C ILE E 142 32.69 -6.42 16.98
N ALA E 143 32.08 -7.10 17.95
CA ALA E 143 32.60 -8.32 18.57
C ALA E 143 31.45 -9.26 18.96
N ASP E 144 31.76 -10.54 19.09
CA ASP E 144 30.89 -11.54 19.75
C ASP E 144 31.54 -11.81 21.10
N GLY E 145 30.73 -12.16 22.09
CA GLY E 145 31.18 -12.47 23.46
C GLY E 145 30.34 -13.55 24.11
N THR E 146 30.94 -14.26 25.06
CA THR E 146 30.25 -15.22 25.96
C THR E 146 30.66 -14.91 27.39
N VAL E 147 29.75 -15.17 28.31
CA VAL E 147 30.01 -15.21 29.76
C VAL E 147 29.87 -16.65 30.24
N SER E 148 30.86 -17.15 30.99
CA SER E 148 30.87 -18.51 31.56
C SER E 148 31.04 -18.37 33.08
N VAL E 149 30.47 -19.31 33.85
CA VAL E 149 30.68 -19.32 35.32
C VAL E 149 31.24 -20.70 35.66
N ASP E 150 32.40 -20.76 36.30
CA ASP E 150 33.05 -22.03 36.75
C ASP E 150 33.00 -23.04 35.60
N GLY E 151 33.38 -22.63 34.39
CA GLY E 151 33.47 -23.56 33.23
C GLY E 151 32.23 -23.57 32.33
N ARG E 152 31.05 -23.20 32.83
CA ARG E 152 29.78 -23.36 32.08
C ARG E 152 29.38 -22.06 31.36
N GLU E 153 29.19 -22.09 30.04
CA GLU E 153 28.68 -20.92 29.29
C GLU E 153 27.24 -20.62 29.74
N ILE E 154 26.92 -19.35 29.99
CA ILE E 154 25.56 -18.96 30.43
C ILE E 154 25.00 -17.80 29.62
N TYR E 155 25.84 -16.92 29.06
CA TYR E 155 25.35 -15.75 28.26
C TYR E 155 26.11 -15.72 26.94
N SER E 156 25.45 -15.27 25.88
CA SER E 156 26.09 -15.03 24.56
C SER E 156 25.60 -13.70 24.03
N ALA E 157 26.44 -12.99 23.31
CA ALA E 157 26.04 -11.73 22.63
C ALA E 157 26.71 -11.75 21.25
N GLU E 158 25.95 -11.47 20.21
CA GLU E 158 26.47 -11.34 18.83
C GLU E 158 26.41 -9.87 18.44
N GLY E 159 27.43 -9.36 17.75
CA GLY E 159 27.39 -7.99 17.24
C GLY E 159 27.42 -6.96 18.33
N LEU E 160 28.13 -7.20 19.45
CA LEU E 160 28.45 -6.08 20.41
C LEU E 160 29.13 -4.95 19.64
N ARG E 161 28.72 -3.70 19.89
CA ARG E 161 29.24 -2.51 19.21
C ARG E 161 29.64 -1.47 20.25
N VAL E 162 30.86 -0.97 20.13
CA VAL E 162 31.37 0.12 20.99
C VAL E 162 32.05 1.15 20.09
N GLY E 163 31.79 2.43 20.34
CA GLY E 163 32.38 3.53 19.57
C GLY E 163 33.20 4.44 20.48
N LEU E 164 34.14 5.17 19.88
CA LEU E 164 35.00 6.14 20.60
C LEU E 164 34.61 7.55 20.18
N PHE E 165 34.46 8.44 21.16
CA PHE E 165 33.99 9.84 20.97
C PHE E 165 35.12 10.79 21.37
N THR E 166 35.74 11.45 20.41
CA THR E 166 36.84 12.44 20.64
C THR E 166 36.27 13.65 21.40
N SER E 167 37.14 14.63 21.71
CA SER E 167 36.79 15.83 22.53
C SER E 167 35.68 16.66 21.86
N THR E 168 35.51 16.55 20.55
CA THR E 168 34.51 17.31 19.75
C THR E 168 33.26 16.47 19.42
N ASP E 169 33.26 15.15 19.65
CA ASP E 169 32.11 14.27 19.28
C ASP E 169 31.06 14.30 20.38
N SER E 170 29.94 14.96 20.11
CA SER E 170 28.77 14.95 21.02
C SER E 170 27.90 13.74 20.66
N PHE E 171 27.08 13.32 21.60
CA PHE E 171 26.28 12.08 21.52
C PHE E 171 24.93 12.34 22.21
#